data_7EYW
#
_entry.id   7EYW
#
_cell.length_a   49.651
_cell.length_b   72.281
_cell.length_c   78.455
_cell.angle_alpha   81.929
_cell.angle_beta   84.880
_cell.angle_gamma   70.354
#
_symmetry.space_group_name_H-M   'P 1'
#
loop_
_entity.id
_entity.type
_entity.pdbx_description
1 polymer '2-oxoglutarate/Fe(II)-dependent dioxygenase SptF'
2 non-polymer N-OXALYLGLYCINE
3 non-polymer 'FE (II) ION'
4 non-polymer 'Terretonin C'
5 water water
#
_entity_poly.entity_id   1
_entity_poly.type   'polypeptide(L)'
_entity_poly.pdbx_seq_one_letter_code
;MPQLHYVPYDTPVEDVMRILKESGTLVIRNFLDQNTVQKVQDEVDDYVRNWNPGPKYNHDIKNVGSKTKQPSNLSLMSKT
YRCEVLNHPWMHAICERMFGPTYGDYWFNGGAILHLEPGENTQPIHQDHVFYQISKWRRPTDPDLTINFTMALTEFTVEN
GGTRVCPGSHLWENGHASPAEEDMVPVLMQPGDALILPGSMWHSAGANRTSEYRRGFATSFHPCHFTPIESHHHLPREMV
EEMTPLVQKMLGFRTLNLHNNVKVWKAGEGNLEDATGLKSVAAKLAAALEHHHHHH
;
_entity_poly.pdbx_strand_id   C,A,B,D
#
# COMPACT_ATOMS: atom_id res chain seq x y z
N PRO A 2 -39.48 0.08 -6.91
CA PRO A 2 -38.43 -0.76 -7.49
C PRO A 2 -37.36 -1.15 -6.48
N GLN A 3 -36.47 -2.06 -6.88
CA GLN A 3 -35.47 -2.63 -5.97
C GLN A 3 -34.27 -3.10 -6.79
N LEU A 4 -33.09 -3.00 -6.17
CA LEU A 4 -31.89 -3.56 -6.78
C LEU A 4 -31.91 -5.08 -6.65
N HIS A 5 -31.99 -5.76 -7.79
CA HIS A 5 -32.07 -7.22 -7.83
C HIS A 5 -30.69 -7.81 -8.10
N TYR A 6 -30.30 -8.79 -7.29
CA TYR A 6 -29.13 -9.62 -7.55
C TYR A 6 -29.62 -10.97 -8.04
N VAL A 7 -29.34 -11.30 -9.29
CA VAL A 7 -29.87 -12.52 -9.90
C VAL A 7 -28.72 -13.45 -10.27
N PRO A 8 -28.94 -14.77 -10.26
CA PRO A 8 -27.87 -15.70 -10.65
C PRO A 8 -27.66 -15.71 -12.15
N TYR A 9 -26.64 -16.47 -12.56
CA TYR A 9 -26.23 -16.47 -13.97
C TYR A 9 -27.30 -17.09 -14.86
N ASP A 10 -27.91 -18.19 -14.42
CA ASP A 10 -28.89 -18.90 -15.23
C ASP A 10 -30.29 -18.28 -15.17
N THR A 11 -30.41 -17.03 -14.78
CA THR A 11 -31.70 -16.35 -14.81
C THR A 11 -32.19 -16.26 -16.25
N PRO A 12 -33.44 -16.64 -16.53
CA PRO A 12 -33.93 -16.52 -17.91
C PRO A 12 -33.83 -15.10 -18.42
N VAL A 13 -33.59 -14.99 -19.74
CA VAL A 13 -33.38 -13.68 -20.35
C VAL A 13 -34.62 -12.81 -20.17
N GLU A 14 -35.81 -13.41 -20.25
CA GLU A 14 -37.04 -12.64 -20.11
C GLU A 14 -37.13 -11.98 -18.74
N ASP A 15 -36.70 -12.70 -17.69
CA ASP A 15 -36.74 -12.11 -16.35
C ASP A 15 -35.77 -10.95 -16.22
N VAL A 16 -34.62 -11.01 -16.90
CA VAL A 16 -33.65 -9.93 -16.81
C VAL A 16 -34.19 -8.66 -17.48
N MET A 17 -34.69 -8.79 -18.72
CA MET A 17 -35.29 -7.65 -19.39
C MET A 17 -36.51 -7.14 -18.62
N ARG A 18 -37.26 -8.05 -18.00
CA ARG A 18 -38.36 -7.65 -17.13
C ARG A 18 -37.86 -6.76 -16.00
N ILE A 19 -36.80 -7.20 -15.31
CA ILE A 19 -36.25 -6.43 -14.21
C ILE A 19 -35.69 -5.09 -14.70
N LEU A 20 -35.07 -5.10 -15.88
CA LEU A 20 -34.56 -3.86 -16.45
C LEU A 20 -35.68 -2.87 -16.75
N LYS A 21 -36.86 -3.37 -17.13
CA LYS A 21 -37.98 -2.47 -17.42
C LYS A 21 -38.54 -1.86 -16.15
N GLU A 22 -38.64 -2.65 -15.07
CA GLU A 22 -39.24 -2.15 -13.84
C GLU A 22 -38.26 -1.32 -13.02
N SER A 23 -37.09 -1.88 -12.71
CA SER A 23 -36.14 -1.24 -11.81
C SER A 23 -35.02 -0.48 -12.51
N GLY A 24 -34.76 -0.76 -13.78
CA GLY A 24 -33.78 -0.01 -14.54
C GLY A 24 -32.34 -0.43 -14.37
N THR A 25 -32.07 -1.48 -13.59
CA THR A 25 -30.72 -1.97 -13.37
C THR A 25 -30.81 -3.29 -12.61
N LEU A 26 -29.71 -4.04 -12.61
CA LEU A 26 -29.60 -5.27 -11.84
C LEU A 26 -28.16 -5.75 -11.89
N VAL A 27 -27.87 -6.74 -11.06
CA VAL A 27 -26.58 -7.42 -11.03
C VAL A 27 -26.79 -8.87 -11.44
N ILE A 28 -25.93 -9.36 -12.32
CA ILE A 28 -25.89 -10.77 -12.68
C ILE A 28 -24.67 -11.37 -11.99
N ARG A 29 -24.92 -12.22 -10.99
CA ARG A 29 -23.84 -12.87 -10.28
C ARG A 29 -23.11 -13.85 -11.19
N ASN A 30 -21.80 -13.95 -10.97
CA ASN A 30 -20.95 -14.86 -11.75
C ASN A 30 -21.03 -14.58 -13.25
N PHE A 31 -21.22 -13.31 -13.61
CA PHE A 31 -21.24 -12.90 -15.01
C PHE A 31 -20.00 -13.40 -15.73
N LEU A 32 -18.84 -13.23 -15.11
CA LEU A 32 -17.59 -13.79 -15.59
C LEU A 32 -16.93 -14.55 -14.44
N ASP A 33 -16.08 -15.50 -14.80
CA ASP A 33 -15.28 -16.14 -13.76
C ASP A 33 -14.13 -15.22 -13.36
N GLN A 34 -13.63 -15.44 -12.14
CA GLN A 34 -12.59 -14.56 -11.60
C GLN A 34 -11.34 -14.57 -12.49
N ASN A 35 -11.00 -15.72 -13.06
CA ASN A 35 -9.76 -15.83 -13.83
C ASN A 35 -9.82 -15.00 -15.10
N THR A 36 -11.01 -14.80 -15.68
CA THR A 36 -11.11 -14.05 -16.93
C THR A 36 -10.86 -12.57 -16.70
N VAL A 37 -11.52 -11.99 -15.70
CA VAL A 37 -11.31 -10.56 -15.42
C VAL A 37 -9.90 -10.30 -14.93
N GLN A 38 -9.27 -11.30 -14.32
CA GLN A 38 -7.86 -11.17 -13.94
C GLN A 38 -6.95 -11.19 -15.16
N LYS A 39 -7.32 -11.97 -16.18
CA LYS A 39 -6.53 -11.99 -17.42
C LYS A 39 -6.54 -10.62 -18.10
N VAL A 40 -7.67 -9.93 -18.08
CA VAL A 40 -7.77 -8.60 -18.69
C VAL A 40 -6.81 -7.64 -18.00
N GLN A 41 -6.79 -7.66 -16.66
CA GLN A 41 -5.89 -6.79 -15.92
C GLN A 41 -4.43 -7.11 -16.23
N ASP A 42 -4.08 -8.41 -16.20
CA ASP A 42 -2.71 -8.81 -16.53
C ASP A 42 -2.32 -8.35 -17.92
N GLU A 43 -3.20 -8.51 -18.89
CA GLU A 43 -2.90 -8.07 -20.25
C GLU A 43 -2.77 -6.54 -20.33
N VAL A 44 -3.57 -5.82 -19.53
CA VAL A 44 -3.46 -4.37 -19.49
C VAL A 44 -2.13 -3.97 -18.85
N ASP A 45 -1.77 -4.60 -17.73
CA ASP A 45 -0.49 -4.33 -17.10
C ASP A 45 0.66 -4.67 -18.05
N ASP A 46 0.52 -5.76 -18.81
CA ASP A 46 1.55 -6.15 -19.76
C ASP A 46 1.65 -5.19 -20.94
N TYR A 47 0.58 -4.45 -21.24
CA TYR A 47 0.63 -3.46 -22.32
C TYR A 47 1.18 -2.12 -21.84
N VAL A 48 0.69 -1.64 -20.69
CA VAL A 48 1.13 -0.35 -20.18
C VAL A 48 2.58 -0.41 -19.73
N ARG A 49 2.96 -1.52 -19.08
CA ARG A 49 4.32 -1.75 -18.61
C ARG A 49 4.82 -0.60 -17.74
N ASN A 50 4.04 -0.29 -16.70
CA ASN A 50 4.48 0.66 -15.70
C ASN A 50 5.75 0.16 -15.04
N TRP A 51 6.63 1.10 -14.66
CA TRP A 51 7.84 0.72 -13.95
C TRP A 51 7.48 0.24 -12.55
N ASN A 52 7.88 -0.98 -12.22
CA ASN A 52 7.62 -1.55 -10.91
C ASN A 52 8.90 -1.49 -10.09
N PRO A 53 9.03 -0.57 -9.14
CA PRO A 53 10.28 -0.46 -8.38
C PRO A 53 10.57 -1.73 -7.58
N GLY A 54 11.83 -2.15 -7.62
CA GLY A 54 12.26 -3.33 -6.91
C GLY A 54 12.31 -3.10 -5.41
N PRO A 55 12.84 -4.08 -4.68
CA PRO A 55 12.89 -3.93 -3.21
C PRO A 55 13.84 -2.85 -2.75
N LYS A 56 14.95 -2.63 -3.46
CA LYS A 56 15.91 -1.59 -3.10
C LYS A 56 16.49 -1.00 -4.38
N TYR A 57 17.19 0.12 -4.21
CA TYR A 57 17.82 0.80 -5.33
C TYR A 57 18.81 -0.13 -6.03
N ASN A 58 18.77 -0.14 -7.37
CA ASN A 58 19.46 -1.15 -8.15
C ASN A 58 20.58 -0.59 -9.02
N HIS A 59 20.99 0.67 -8.81
CA HIS A 59 22.09 1.29 -9.55
C HIS A 59 21.82 1.25 -11.06
N ASP A 60 20.66 1.74 -11.47
CA ASP A 60 20.30 1.75 -12.87
C ASP A 60 21.07 2.84 -13.62
N ILE A 61 21.57 2.48 -14.80
CA ILE A 61 22.28 3.43 -15.65
C ILE A 61 21.71 3.37 -17.05
N LYS A 62 21.88 2.22 -17.72
CA LYS A 62 21.43 2.08 -19.10
C LYS A 62 19.97 1.66 -19.16
N ASN A 63 19.30 2.11 -20.22
CA ASN A 63 17.94 1.69 -20.54
C ASN A 63 16.96 2.03 -19.42
N VAL A 64 17.01 3.28 -18.96
CA VAL A 64 16.14 3.77 -17.91
C VAL A 64 14.95 4.48 -18.53
N GLY A 65 13.74 4.13 -18.08
CA GLY A 65 12.55 4.82 -18.52
C GLY A 65 12.18 4.54 -19.97
N SER A 66 11.15 5.27 -20.41
CA SER A 66 10.65 5.20 -21.78
C SER A 66 10.10 3.82 -22.13
N LYS A 67 9.67 3.07 -21.11
CA LYS A 67 9.04 1.78 -21.31
C LYS A 67 7.53 1.83 -21.23
N THR A 68 6.97 2.84 -20.57
CA THR A 68 5.55 2.88 -20.29
C THR A 68 4.78 3.48 -21.47
N LYS A 69 3.68 2.83 -21.84
CA LYS A 69 2.78 3.32 -22.87
C LYS A 69 1.49 3.82 -22.22
N GLN A 70 0.85 4.77 -22.89
CA GLN A 70 -0.44 5.27 -22.42
C GLN A 70 -1.52 4.23 -22.66
N PRO A 71 -2.53 4.17 -21.79
CA PRO A 71 -3.64 3.23 -22.01
C PRO A 71 -4.37 3.55 -23.31
N SER A 72 -4.61 2.50 -24.10
CA SER A 72 -5.38 2.61 -25.33
C SER A 72 -6.71 1.88 -25.14
N ASN A 73 -7.34 1.49 -26.24
CA ASN A 73 -8.57 0.74 -26.17
C ASN A 73 -8.35 -0.59 -25.45
N LEU A 74 -9.34 -1.02 -24.68
CA LEU A 74 -9.25 -2.31 -24.01
C LEU A 74 -9.18 -3.45 -25.02
N SER A 75 -9.82 -3.27 -26.18
CA SER A 75 -9.78 -4.30 -27.21
C SER A 75 -8.38 -4.44 -27.81
N LEU A 76 -7.57 -3.38 -27.75
CA LEU A 76 -6.20 -3.49 -28.24
C LEU A 76 -5.26 -4.01 -27.16
N MET A 77 -5.45 -3.59 -25.92
CA MET A 77 -4.51 -3.96 -24.86
C MET A 77 -4.70 -5.40 -24.41
N SER A 78 -5.94 -5.88 -24.34
CA SER A 78 -6.26 -7.17 -23.75
C SER A 78 -6.85 -8.08 -24.81
N LYS A 79 -6.16 -9.20 -25.09
CA LYS A 79 -6.69 -10.19 -26.02
C LYS A 79 -7.92 -10.86 -25.45
N THR A 80 -7.94 -11.12 -24.14
CA THR A 80 -9.11 -11.72 -23.51
C THR A 80 -10.33 -10.82 -23.64
N TYR A 81 -10.13 -9.51 -23.54
CA TYR A 81 -11.24 -8.57 -23.68
C TYR A 81 -11.87 -8.65 -25.07
N ARG A 82 -11.03 -8.67 -26.11
CA ARG A 82 -11.55 -8.61 -27.47
C ARG A 82 -11.93 -9.98 -28.02
N CYS A 83 -11.29 -11.05 -27.54
CA CYS A 83 -11.54 -12.38 -28.07
C CYS A 83 -12.50 -13.20 -27.22
N GLU A 84 -12.87 -12.73 -26.03
CA GLU A 84 -13.72 -13.51 -25.14
C GLU A 84 -14.79 -12.65 -24.48
N VAL A 85 -14.38 -11.53 -23.87
CA VAL A 85 -15.32 -10.69 -23.15
C VAL A 85 -16.34 -10.09 -24.12
N LEU A 86 -15.89 -9.62 -25.28
CA LEU A 86 -16.79 -9.00 -26.24
C LEU A 86 -17.69 -10.02 -26.93
N ASN A 87 -17.45 -11.32 -26.74
CA ASN A 87 -18.35 -12.36 -27.23
C ASN A 87 -19.27 -12.89 -26.14
N HIS A 88 -19.44 -12.13 -25.06
CA HIS A 88 -20.19 -12.63 -23.91
C HIS A 88 -21.66 -12.82 -24.28
N PRO A 89 -22.23 -14.01 -24.04
CA PRO A 89 -23.62 -14.24 -24.48
C PRO A 89 -24.64 -13.41 -23.75
N TRP A 90 -24.37 -13.02 -22.50
CA TRP A 90 -25.33 -12.19 -21.77
C TRP A 90 -25.38 -10.77 -22.33
N MET A 91 -24.22 -10.23 -22.72
CA MET A 91 -24.20 -8.90 -23.31
C MET A 91 -25.01 -8.86 -24.61
N HIS A 92 -24.84 -9.87 -25.46
CA HIS A 92 -25.51 -9.87 -26.75
C HIS A 92 -26.98 -10.26 -26.64
N ALA A 93 -27.33 -11.08 -25.64
CA ALA A 93 -28.74 -11.40 -25.43
C ALA A 93 -29.52 -10.16 -25.00
N ILE A 94 -28.95 -9.37 -24.09
CA ILE A 94 -29.63 -8.17 -23.61
C ILE A 94 -29.63 -7.09 -24.69
N CYS A 95 -28.49 -6.90 -25.36
CA CYS A 95 -28.40 -5.87 -26.39
C CYS A 95 -29.35 -6.15 -27.54
N GLU A 96 -29.50 -7.42 -27.92
CA GLU A 96 -30.43 -7.78 -28.98
C GLU A 96 -31.85 -7.36 -28.63
N ARG A 97 -32.32 -7.72 -27.44
CA ARG A 97 -33.69 -7.44 -27.06
C ARG A 97 -33.91 -5.97 -26.71
N MET A 98 -32.86 -5.22 -26.43
CA MET A 98 -32.99 -3.80 -26.10
C MET A 98 -32.90 -2.89 -27.31
N PHE A 99 -32.10 -3.26 -28.30
CA PHE A 99 -31.86 -2.41 -29.47
C PHE A 99 -32.43 -2.97 -30.77
N GLY A 100 -32.48 -4.29 -30.91
CA GLY A 100 -32.94 -4.94 -32.12
C GLY A 100 -34.26 -4.44 -32.68
N PRO A 101 -35.34 -4.51 -31.87
CA PRO A 101 -36.67 -4.15 -32.41
C PRO A 101 -36.77 -2.72 -32.92
N THR A 102 -36.00 -1.79 -32.37
CA THR A 102 -36.07 -0.39 -32.78
C THR A 102 -34.94 0.00 -33.74
N TYR A 103 -33.71 -0.41 -33.46
CA TYR A 103 -32.55 0.05 -34.20
C TYR A 103 -31.92 -1.02 -35.09
N GLY A 104 -32.31 -2.28 -34.96
CA GLY A 104 -31.66 -3.34 -35.68
C GLY A 104 -30.33 -3.73 -35.04
N ASP A 105 -29.23 -3.42 -35.72
CA ASP A 105 -27.92 -3.78 -35.19
C ASP A 105 -27.50 -2.82 -34.09
N TYR A 106 -26.66 -3.32 -33.19
CA TYR A 106 -25.95 -2.54 -32.19
C TYR A 106 -24.46 -2.78 -32.38
N TRP A 107 -23.64 -1.96 -31.72
CA TRP A 107 -22.20 -2.20 -31.73
C TRP A 107 -21.56 -1.55 -30.51
N PHE A 108 -20.28 -1.86 -30.34
CA PHE A 108 -19.51 -1.39 -29.18
C PHE A 108 -19.50 0.12 -29.12
N ASN A 109 -19.73 0.67 -27.93
CA ASN A 109 -19.70 2.11 -27.70
C ASN A 109 -18.39 2.55 -27.07
N GLY A 110 -18.04 1.99 -25.92
CA GLY A 110 -16.80 2.32 -25.26
C GLY A 110 -16.47 1.40 -24.10
N GLY A 111 -15.18 1.15 -23.87
CA GLY A 111 -14.71 0.43 -22.72
C GLY A 111 -14.08 1.39 -21.73
N ALA A 112 -13.86 0.89 -20.51
CA ALA A 112 -13.31 1.75 -19.47
C ALA A 112 -12.66 0.91 -18.39
N ILE A 113 -11.49 1.35 -17.95
CA ILE A 113 -10.84 0.80 -16.76
C ILE A 113 -11.27 1.66 -15.58
N LEU A 114 -12.11 1.10 -14.70
CA LEU A 114 -12.71 1.83 -13.60
C LEU A 114 -11.94 1.49 -12.32
N HIS A 115 -10.96 2.31 -12.00
CA HIS A 115 -10.08 2.09 -10.84
C HIS A 115 -10.19 3.28 -9.90
N LEU A 116 -10.78 3.06 -8.74
CA LEU A 116 -10.99 4.12 -7.75
C LEU A 116 -9.80 4.18 -6.81
N GLU A 117 -9.16 5.35 -6.74
CA GLU A 117 -8.02 5.52 -5.85
C GLU A 117 -8.46 5.47 -4.39
N PRO A 118 -7.58 5.07 -3.48
CA PRO A 118 -7.87 5.24 -2.06
C PRO A 118 -8.05 6.72 -1.72
N GLY A 119 -9.11 7.01 -0.96
CA GLY A 119 -9.43 8.39 -0.63
C GLY A 119 -10.17 9.13 -1.71
N GLU A 120 -10.46 8.49 -2.83
CA GLU A 120 -11.23 9.15 -3.91
C GLU A 120 -12.59 9.55 -3.34
N ASN A 121 -13.04 10.76 -3.63
CA ASN A 121 -14.33 11.24 -3.16
C ASN A 121 -15.45 10.71 -4.06
N THR A 122 -16.68 11.01 -3.66
CA THR A 122 -17.83 10.48 -4.39
C THR A 122 -17.97 11.13 -5.77
N GLN A 123 -18.34 10.32 -6.75
CA GLN A 123 -18.53 10.76 -8.12
C GLN A 123 -19.92 11.39 -8.27
N PRO A 124 -20.05 12.44 -9.08
CA PRO A 124 -21.38 13.03 -9.30
C PRO A 124 -22.37 12.03 -9.88
N ILE A 125 -23.60 12.08 -9.37
CA ILE A 125 -24.65 11.17 -9.82
C ILE A 125 -25.15 11.63 -11.18
N HIS A 126 -25.20 10.71 -12.14
CA HIS A 126 -25.42 11.07 -13.53
C HIS A 126 -26.16 9.95 -14.25
N GLN A 127 -26.67 10.28 -15.43
CA GLN A 127 -27.14 9.30 -16.40
C GLN A 127 -26.10 9.16 -17.49
N ASP A 128 -25.87 7.92 -17.94
CA ASP A 128 -24.82 7.69 -18.92
C ASP A 128 -25.20 8.23 -20.30
N HIS A 129 -26.49 8.35 -20.60
CA HIS A 129 -26.91 8.84 -21.91
C HIS A 129 -26.93 10.36 -22.00
N VAL A 130 -26.33 11.06 -21.03
CA VAL A 130 -26.43 12.52 -20.99
C VAL A 130 -25.69 13.14 -22.18
N PHE A 131 -24.67 12.48 -22.71
CA PHE A 131 -23.88 13.04 -23.80
C PHE A 131 -24.48 12.74 -25.16
N TYR A 132 -25.66 12.12 -25.21
CA TYR A 132 -26.47 12.07 -26.43
C TYR A 132 -27.42 13.26 -26.38
N GLN A 133 -27.23 14.22 -27.29
CA GLN A 133 -28.13 15.37 -27.34
C GLN A 133 -29.57 14.94 -27.59
N ILE A 134 -29.76 13.80 -28.29
CA ILE A 134 -31.09 13.28 -28.57
C ILE A 134 -31.78 12.70 -27.34
N SER A 135 -31.10 12.65 -26.20
CA SER A 135 -31.76 12.23 -24.97
C SER A 135 -32.79 13.24 -24.51
N LYS A 136 -32.67 14.51 -24.92
CA LYS A 136 -33.67 15.51 -24.58
C LYS A 136 -34.98 15.26 -25.30
N TRP A 137 -34.94 14.63 -26.47
CA TRP A 137 -36.15 14.26 -27.20
C TRP A 137 -36.72 12.93 -26.73
N ARG A 138 -35.93 12.11 -26.04
CA ARG A 138 -36.33 10.77 -25.69
C ARG A 138 -37.31 10.76 -24.52
N ARG A 139 -38.26 9.84 -24.57
CA ARG A 139 -39.24 9.54 -23.54
C ARG A 139 -38.75 8.38 -22.67
N PRO A 140 -39.11 8.35 -21.39
CA PRO A 140 -38.64 7.25 -20.53
C PRO A 140 -39.11 5.88 -20.98
N THR A 141 -40.20 5.80 -21.75
CA THR A 141 -40.67 4.53 -22.28
C THR A 141 -39.90 4.09 -23.51
N ASP A 142 -39.18 5.00 -24.16
CA ASP A 142 -38.40 4.66 -25.34
C ASP A 142 -37.26 3.72 -24.96
N PRO A 143 -36.72 2.98 -25.93
CA PRO A 143 -35.54 2.15 -25.64
C PRO A 143 -34.36 3.02 -25.24
N ASP A 144 -33.41 2.40 -24.55
CA ASP A 144 -32.25 3.12 -24.06
C ASP A 144 -31.31 3.47 -25.21
N LEU A 145 -30.58 4.57 -25.02
CA LEU A 145 -29.62 5.02 -26.03
C LEU A 145 -28.29 4.28 -25.94
N THR A 146 -28.00 3.68 -24.79
CA THR A 146 -26.76 2.93 -24.57
C THR A 146 -26.93 2.11 -23.30
N ILE A 147 -26.14 1.04 -23.20
CA ILE A 147 -26.15 0.18 -22.02
C ILE A 147 -24.71 -0.12 -21.63
N ASN A 148 -24.48 -0.24 -20.33
CA ASN A 148 -23.15 -0.45 -19.78
C ASN A 148 -23.13 -1.73 -18.95
N PHE A 149 -22.02 -2.46 -19.04
CA PHE A 149 -21.78 -3.65 -18.22
C PHE A 149 -20.53 -3.41 -17.39
N THR A 150 -20.71 -3.18 -16.10
CA THR A 150 -19.60 -2.92 -15.18
C THR A 150 -19.28 -4.21 -14.44
N MET A 151 -18.16 -4.85 -14.82
CA MET A 151 -17.73 -6.09 -14.22
C MET A 151 -16.65 -5.82 -13.18
N ALA A 152 -16.80 -6.42 -12.00
CA ALA A 152 -15.88 -6.18 -10.90
C ALA A 152 -14.63 -7.05 -11.05
N LEU A 153 -13.47 -6.44 -10.85
CA LEU A 153 -12.21 -7.16 -10.72
C LEU A 153 -11.86 -7.43 -9.27
N THR A 154 -11.84 -6.38 -8.44
CA THR A 154 -11.81 -6.55 -7.00
C THR A 154 -13.24 -6.55 -6.47
N GLU A 155 -13.37 -6.79 -5.16
CA GLU A 155 -14.69 -6.74 -4.54
C GLU A 155 -15.25 -5.33 -4.58
N PHE A 156 -16.56 -5.23 -4.83
CA PHE A 156 -17.27 -3.97 -4.75
C PHE A 156 -17.98 -3.91 -3.40
N THR A 157 -17.62 -2.92 -2.58
CA THR A 157 -18.23 -2.73 -1.27
C THR A 157 -18.73 -1.30 -1.14
N VAL A 158 -19.47 -1.04 -0.06
CA VAL A 158 -19.92 0.31 0.21
C VAL A 158 -18.74 1.22 0.50
N GLU A 159 -17.81 0.75 1.32
CA GLU A 159 -16.72 1.60 1.80
C GLU A 159 -15.70 1.89 0.69
N ASN A 160 -15.44 0.93 -0.19
CA ASN A 160 -14.46 1.15 -1.25
C ASN A 160 -15.07 1.86 -2.46
N GLY A 161 -16.28 2.40 -2.33
CA GLY A 161 -16.84 3.21 -3.40
C GLY A 161 -17.55 2.44 -4.50
N GLY A 162 -18.12 1.28 -4.18
CA GLY A 162 -18.87 0.51 -5.15
C GLY A 162 -19.99 1.35 -5.76
N THR A 163 -20.28 1.11 -7.05
CA THR A 163 -21.25 1.93 -7.76
C THR A 163 -22.61 1.89 -7.05
N ARG A 164 -23.24 3.05 -6.97
CA ARG A 164 -24.57 3.19 -6.39
C ARG A 164 -25.59 3.45 -7.50
N VAL A 165 -26.77 2.85 -7.36
CA VAL A 165 -27.83 3.03 -8.33
C VAL A 165 -29.09 3.47 -7.60
N CYS A 166 -30.01 4.06 -8.36
CA CYS A 166 -31.32 4.48 -7.86
C CYS A 166 -32.38 3.73 -8.66
N PRO A 167 -32.84 2.58 -8.16
CA PRO A 167 -33.85 1.81 -8.91
C PRO A 167 -35.10 2.62 -9.18
N GLY A 168 -35.61 2.51 -10.40
CA GLY A 168 -36.79 3.24 -10.82
C GLY A 168 -36.51 4.61 -11.38
N SER A 169 -35.35 5.19 -11.10
CA SER A 169 -35.03 6.54 -11.57
C SER A 169 -34.86 6.61 -13.09
N HIS A 170 -34.85 5.47 -13.78
CA HIS A 170 -34.79 5.48 -15.23
C HIS A 170 -36.11 5.93 -15.85
N LEU A 171 -37.19 5.95 -15.07
CA LEU A 171 -38.51 6.32 -15.57
C LEU A 171 -38.86 7.78 -15.30
N TRP A 172 -38.00 8.51 -14.59
CA TRP A 172 -38.25 9.92 -14.35
C TRP A 172 -38.24 10.70 -15.66
N GLU A 173 -39.02 11.77 -15.73
CA GLU A 173 -38.99 12.65 -16.88
C GLU A 173 -37.61 13.29 -17.02
N ASN A 174 -37.31 13.76 -18.23
CA ASN A 174 -35.96 14.22 -18.53
C ASN A 174 -35.56 15.44 -17.69
N GLY A 175 -36.53 16.25 -17.29
CA GLY A 175 -36.23 17.41 -16.47
C GLY A 175 -36.02 17.12 -15.01
N HIS A 176 -36.11 15.86 -14.60
CA HIS A 176 -36.03 15.51 -13.19
C HIS A 176 -34.63 15.77 -12.65
N ALA A 177 -34.57 16.33 -11.45
CA ALA A 177 -33.30 16.53 -10.77
C ALA A 177 -32.67 15.18 -10.43
N SER A 178 -31.37 15.19 -10.17
CA SER A 178 -30.67 13.98 -9.80
C SER A 178 -31.19 13.46 -8.46
N PRO A 179 -31.10 12.16 -8.20
CA PRO A 179 -31.51 11.64 -6.90
C PRO A 179 -30.66 12.24 -5.80
N ALA A 180 -31.26 12.38 -4.61
CA ALA A 180 -30.48 12.76 -3.45
C ALA A 180 -29.52 11.64 -3.09
N GLU A 181 -28.47 11.99 -2.34
CA GLU A 181 -27.48 11.00 -1.93
C GLU A 181 -28.13 9.86 -1.15
N GLU A 182 -29.14 10.18 -0.32
CA GLU A 182 -29.81 9.17 0.46
C GLU A 182 -30.66 8.23 -0.39
N ASP A 183 -30.94 8.59 -1.65
CA ASP A 183 -31.71 7.72 -2.53
C ASP A 183 -30.87 6.61 -3.15
N MET A 184 -29.55 6.69 -3.08
CA MET A 184 -28.70 5.79 -3.83
C MET A 184 -28.49 4.48 -3.09
N VAL A 185 -28.41 3.39 -3.85
CA VAL A 185 -28.26 2.05 -3.30
C VAL A 185 -26.91 1.48 -3.76
N PRO A 186 -25.95 1.27 -2.86
CA PRO A 186 -24.66 0.72 -3.28
C PRO A 186 -24.80 -0.70 -3.82
N VAL A 187 -23.90 -1.05 -4.73
CA VAL A 187 -23.91 -2.33 -5.42
C VAL A 187 -22.76 -3.16 -4.89
N LEU A 188 -23.09 -4.21 -4.13
CA LEU A 188 -22.08 -5.08 -3.53
C LEU A 188 -21.83 -6.27 -4.45
N MET A 189 -20.58 -6.41 -4.90
CA MET A 189 -20.25 -7.41 -5.91
C MET A 189 -18.96 -8.12 -5.55
N GLN A 190 -18.89 -9.40 -5.92
CA GLN A 190 -17.68 -10.20 -5.88
C GLN A 190 -16.98 -10.14 -7.23
N PRO A 191 -15.70 -10.50 -7.29
CA PRO A 191 -15.01 -10.54 -8.60
C PRO A 191 -15.73 -11.44 -9.58
N GLY A 192 -16.08 -10.88 -10.74
CA GLY A 192 -16.79 -11.60 -11.77
C GLY A 192 -18.24 -11.20 -11.92
N ASP A 193 -18.86 -10.69 -10.86
CA ASP A 193 -20.20 -10.14 -10.97
C ASP A 193 -20.19 -8.94 -11.93
N ALA A 194 -21.36 -8.60 -12.44
CA ALA A 194 -21.48 -7.47 -13.34
C ALA A 194 -22.76 -6.70 -13.07
N LEU A 195 -22.64 -5.38 -13.04
CA LEU A 195 -23.79 -4.49 -12.90
C LEU A 195 -24.29 -4.13 -14.29
N ILE A 196 -25.57 -4.39 -14.55
CA ILE A 196 -26.21 -4.04 -15.82
C ILE A 196 -26.75 -2.63 -15.68
N LEU A 197 -26.28 -1.72 -16.54
CA LEU A 197 -26.47 -0.28 -16.35
C LEU A 197 -26.93 0.36 -17.65
N PRO A 198 -28.23 0.46 -17.87
CA PRO A 198 -28.74 1.20 -19.04
C PRO A 198 -28.39 2.68 -18.94
N GLY A 199 -28.53 3.37 -20.07
CA GLY A 199 -28.13 4.76 -20.15
C GLY A 199 -29.00 5.72 -19.35
N SER A 200 -30.21 5.30 -18.98
CA SER A 200 -31.14 6.18 -18.26
C SER A 200 -31.09 5.98 -16.75
N MET A 201 -30.26 5.06 -16.25
CA MET A 201 -30.19 4.81 -14.82
C MET A 201 -29.28 5.83 -14.15
N TRP A 202 -29.82 6.55 -13.17
CA TRP A 202 -29.01 7.47 -12.38
C TRP A 202 -28.08 6.67 -11.46
N HIS A 203 -26.80 7.01 -11.49
CA HIS A 203 -25.80 6.23 -10.78
C HIS A 203 -24.53 7.07 -10.63
N SER A 204 -23.63 6.56 -9.80
CA SER A 204 -22.34 7.21 -9.57
C SER A 204 -21.45 6.27 -8.77
N ALA A 205 -20.14 6.43 -8.95
CA ALA A 205 -19.19 5.75 -8.08
C ALA A 205 -19.18 6.40 -6.71
N GLY A 206 -19.07 5.59 -5.68
CA GLY A 206 -19.00 6.09 -4.33
C GLY A 206 -17.59 6.53 -3.97
N ALA A 207 -17.48 7.11 -2.78
CA ALA A 207 -16.16 7.47 -2.26
C ALA A 207 -15.44 6.22 -1.78
N ASN A 208 -14.19 6.06 -2.21
CA ASN A 208 -13.35 4.94 -1.78
C ASN A 208 -12.67 5.36 -0.48
N ARG A 209 -13.21 4.90 0.64
CA ARG A 209 -12.70 5.25 1.96
C ARG A 209 -11.79 4.17 2.53
N THR A 210 -11.32 3.25 1.70
CA THR A 210 -10.37 2.21 2.12
C THR A 210 -9.00 2.52 1.54
N SER A 211 -8.03 1.69 1.90
CA SER A 211 -6.64 1.86 1.48
C SER A 211 -6.28 1.06 0.24
N GLU A 212 -7.22 0.32 -0.33
CA GLU A 212 -6.99 -0.47 -1.52
C GLU A 212 -7.78 0.09 -2.69
N TYR A 213 -7.34 -0.26 -3.90
CA TYR A 213 -8.02 0.18 -5.10
C TYR A 213 -9.31 -0.60 -5.32
N ARG A 214 -10.33 0.10 -5.82
CA ARG A 214 -11.56 -0.54 -6.29
C ARG A 214 -11.46 -0.64 -7.80
N ARG A 215 -11.27 -1.86 -8.31
CA ARG A 215 -10.95 -2.08 -9.70
C ARG A 215 -12.06 -2.85 -10.40
N GLY A 216 -12.23 -2.55 -11.68
CA GLY A 216 -13.25 -3.21 -12.50
C GLY A 216 -13.10 -2.78 -13.94
N PHE A 217 -13.90 -3.43 -14.79
CA PHE A 217 -13.90 -3.14 -16.22
C PHE A 217 -15.33 -2.93 -16.70
N ALA A 218 -15.47 -2.13 -17.75
CA ALA A 218 -16.76 -1.80 -18.31
C ALA A 218 -16.77 -2.01 -19.81
N THR A 219 -17.84 -2.61 -20.32
CA THR A 219 -18.17 -2.58 -21.74
C THR A 219 -19.49 -1.82 -21.92
N SER A 220 -19.64 -1.20 -23.09
CA SER A 220 -20.87 -0.50 -23.39
C SER A 220 -21.21 -0.67 -24.87
N PHE A 221 -22.49 -0.84 -25.15
CA PHE A 221 -22.98 -0.97 -26.52
C PHE A 221 -24.12 0.01 -26.73
N HIS A 222 -24.32 0.41 -27.99
CA HIS A 222 -25.38 1.34 -28.32
C HIS A 222 -25.80 1.08 -29.76
N PRO A 223 -26.95 1.61 -30.19
CA PRO A 223 -27.44 1.34 -31.55
C PRO A 223 -26.41 1.65 -32.62
N CYS A 224 -26.50 0.91 -33.73
CA CYS A 224 -25.53 1.02 -34.81
C CYS A 224 -25.57 2.39 -35.49
N HIS A 225 -26.68 3.12 -35.38
CA HIS A 225 -26.78 4.43 -36.00
C HIS A 225 -26.17 5.54 -35.15
N PHE A 226 -25.56 5.20 -34.01
CA PHE A 226 -24.91 6.17 -33.15
C PHE A 226 -23.39 5.97 -33.22
N THR A 227 -22.66 7.07 -33.17
CA THR A 227 -21.20 7.01 -33.28
C THR A 227 -20.59 6.58 -31.97
N PRO A 228 -19.79 5.51 -31.94
CA PRO A 228 -19.22 5.04 -30.67
C PRO A 228 -18.20 6.02 -30.12
N ILE A 229 -18.04 5.97 -28.79
CA ILE A 229 -17.04 6.79 -28.12
C ILE A 229 -15.65 6.48 -28.66
N GLU A 230 -15.37 5.20 -28.91
CA GLU A 230 -14.05 4.73 -29.30
C GLU A 230 -14.06 4.24 -30.73
N SER A 231 -13.05 4.64 -31.49
CA SER A 231 -12.76 4.03 -32.78
C SER A 231 -11.67 2.97 -32.59
N HIS A 232 -11.72 1.93 -33.42
CA HIS A 232 -10.76 0.83 -33.34
C HIS A 232 -10.01 0.64 -34.66
N HIS A 233 -10.01 1.63 -35.54
CA HIS A 233 -9.41 1.50 -36.84
C HIS A 233 -7.92 1.82 -36.85
N HIS A 234 -7.35 2.11 -35.68
CA HIS A 234 -5.90 2.10 -35.52
C HIS A 234 -5.39 0.71 -35.17
N LEU A 235 -6.29 -0.25 -34.92
CA LEU A 235 -5.87 -1.58 -34.52
C LEU A 235 -5.21 -2.29 -35.71
N PRO A 236 -4.15 -3.06 -35.46
CA PRO A 236 -3.48 -3.77 -36.56
C PRO A 236 -4.39 -4.81 -37.19
N ARG A 237 -4.16 -5.04 -38.49
CA ARG A 237 -5.02 -5.95 -39.25
C ARG A 237 -4.97 -7.37 -38.69
N GLU A 238 -3.81 -7.79 -38.20
CA GLU A 238 -3.69 -9.11 -37.59
C GLU A 238 -4.68 -9.29 -36.45
N MET A 239 -4.92 -8.22 -35.69
CA MET A 239 -5.84 -8.30 -34.56
C MET A 239 -7.28 -8.48 -35.02
N VAL A 240 -7.68 -7.80 -36.10
CA VAL A 240 -9.05 -7.88 -36.57
C VAL A 240 -9.35 -9.27 -37.10
N GLU A 241 -8.39 -9.89 -37.78
CA GLU A 241 -8.62 -11.20 -38.38
C GLU A 241 -8.87 -12.28 -37.33
N GLU A 242 -8.40 -12.08 -36.10
CA GLU A 242 -8.57 -13.07 -35.05
C GLU A 242 -9.82 -12.84 -34.20
N MET A 243 -10.55 -11.75 -34.43
CA MET A 243 -11.82 -11.57 -33.74
C MET A 243 -12.92 -12.32 -34.50
N THR A 244 -13.97 -12.66 -33.76
CA THR A 244 -15.13 -13.29 -34.36
C THR A 244 -15.83 -12.29 -35.29
N PRO A 245 -16.58 -12.79 -36.28
CA PRO A 245 -17.40 -11.88 -37.10
C PRO A 245 -18.32 -11.00 -36.27
N LEU A 246 -18.80 -11.50 -35.13
CA LEU A 246 -19.62 -10.68 -34.25
C LEU A 246 -18.81 -9.52 -33.67
N VAL A 247 -17.62 -9.82 -33.15
CA VAL A 247 -16.79 -8.77 -32.55
C VAL A 247 -16.26 -7.82 -33.62
N GLN A 248 -15.99 -8.33 -34.82
CA GLN A 248 -15.60 -7.45 -35.92
C GLN A 248 -16.68 -6.41 -36.21
N LYS A 249 -17.94 -6.83 -36.14
CA LYS A 249 -19.05 -5.88 -36.30
C LYS A 249 -19.14 -4.95 -35.10
N MET A 250 -18.92 -5.49 -33.89
CA MET A 250 -18.99 -4.66 -32.69
C MET A 250 -17.99 -3.52 -32.74
N LEU A 251 -16.77 -3.79 -33.21
CA LEU A 251 -15.69 -2.84 -33.18
C LEU A 251 -15.53 -2.04 -34.47
N GLY A 252 -16.54 -2.07 -35.34
CA GLY A 252 -16.59 -1.16 -36.47
C GLY A 252 -15.91 -1.61 -37.74
N PHE A 253 -15.73 -2.90 -37.95
CA PHE A 253 -15.08 -3.40 -39.16
C PHE A 253 -16.05 -4.05 -40.14
N ARG A 254 -17.35 -3.93 -39.89
CA ARG A 254 -18.36 -4.55 -40.75
C ARG A 254 -19.52 -3.59 -40.95
N THR A 255 -20.23 -3.78 -42.06
CA THR A 255 -21.39 -2.95 -42.36
C THR A 255 -22.56 -3.31 -41.46
N LEU A 256 -23.25 -2.29 -40.95
CA LEU A 256 -24.33 -2.47 -40.00
C LEU A 256 -25.68 -2.34 -40.69
N ASN A 257 -26.66 -3.09 -40.19
CA ASN A 257 -28.01 -3.13 -40.75
C ASN A 257 -28.98 -2.43 -39.81
N LEU A 258 -29.65 -1.39 -40.31
CA LEU A 258 -30.73 -0.79 -39.56
C LEU A 258 -31.94 -1.72 -39.54
N HIS A 259 -32.97 -1.32 -38.80
CA HIS A 259 -34.12 -2.20 -38.62
C HIS A 259 -34.89 -2.39 -39.93
N ASN A 260 -34.96 -1.36 -40.77
CA ASN A 260 -35.63 -1.47 -42.06
C ASN A 260 -34.73 -2.05 -43.15
N ASN A 261 -33.73 -2.83 -42.77
CA ASN A 261 -32.74 -3.44 -43.66
C ASN A 261 -31.90 -2.41 -44.41
N VAL A 262 -32.01 -1.14 -44.06
CA VAL A 262 -31.11 -0.12 -44.61
C VAL A 262 -29.74 -0.30 -43.98
N LYS A 263 -28.70 -0.19 -44.80
CA LYS A 263 -27.33 -0.38 -44.34
C LYS A 263 -26.68 0.98 -44.07
N VAL A 264 -25.93 1.05 -42.97
CA VAL A 264 -25.04 2.15 -42.69
C VAL A 264 -23.64 1.58 -42.55
N TRP A 265 -22.65 2.48 -42.47
CA TRP A 265 -21.24 2.08 -42.39
C TRP A 265 -20.85 1.23 -43.60
N LYS A 266 -21.28 1.66 -44.77
CA LYS A 266 -21.09 0.91 -46.01
C LYS A 266 -19.77 1.29 -46.67
N ALA A 267 -19.35 0.43 -47.60
CA ALA A 267 -18.21 0.69 -48.48
C ALA A 267 -18.80 0.96 -49.87
N GLY A 268 -19.12 2.23 -50.13
CA GLY A 268 -19.79 2.59 -51.37
C GLY A 268 -21.19 2.04 -51.44
N GLU A 269 -21.36 0.95 -52.19
CA GLU A 269 -22.63 0.23 -52.25
C GLU A 269 -22.55 -1.16 -51.68
N GLY A 270 -21.34 -1.68 -51.42
CA GLY A 270 -21.16 -2.98 -50.83
C GLY A 270 -20.83 -2.89 -49.35
N ASN A 271 -20.38 -4.02 -48.80
CA ASN A 271 -20.05 -4.10 -47.40
C ASN A 271 -18.61 -3.69 -47.15
N LEU A 272 -18.36 -3.12 -45.97
CA LEU A 272 -17.01 -2.72 -45.60
C LEU A 272 -16.09 -3.92 -45.52
N GLU A 273 -16.59 -5.05 -45.03
CA GLU A 273 -15.76 -6.26 -44.94
C GLU A 273 -15.40 -6.81 -46.31
N ASP A 274 -16.18 -6.52 -47.34
CA ASP A 274 -15.81 -6.92 -48.69
C ASP A 274 -14.68 -6.05 -49.23
N ALA A 275 -14.80 -4.73 -49.04
CA ALA A 275 -13.77 -3.82 -49.55
C ALA A 275 -12.45 -4.00 -48.82
N THR A 276 -12.48 -4.49 -47.58
CA THR A 276 -11.26 -4.72 -46.82
C THR A 276 -10.78 -6.16 -46.90
N GLY A 277 -11.54 -7.05 -47.53
CA GLY A 277 -11.12 -8.43 -47.72
C GLY A 277 -10.94 -9.20 -46.42
N LEU A 278 -11.95 -9.19 -45.57
CA LEU A 278 -11.88 -9.89 -44.28
C LEU A 278 -12.11 -11.39 -44.47
N PRO B 2 -3.81 16.16 4.87
CA PRO B 2 -2.42 16.13 4.40
C PRO B 2 -1.42 15.88 5.52
N GLN B 3 -0.59 14.84 5.35
CA GLN B 3 0.45 14.48 6.29
C GLN B 3 1.74 14.25 5.53
N LEU B 4 2.85 14.22 6.27
CA LEU B 4 4.15 13.91 5.68
C LEU B 4 4.36 12.41 5.70
N HIS B 5 4.45 11.79 4.52
CA HIS B 5 4.53 10.35 4.39
C HIS B 5 5.96 9.92 4.11
N TYR B 6 6.38 8.83 4.76
CA TYR B 6 7.62 8.14 4.45
C TYR B 6 7.26 6.78 3.85
N VAL B 7 7.74 6.52 2.64
CA VAL B 7 7.36 5.31 1.92
C VAL B 7 8.62 4.51 1.56
N PRO B 8 8.51 3.20 1.42
CA PRO B 8 9.67 2.40 0.99
C PRO B 8 9.98 2.62 -0.49
N TYR B 9 11.11 2.04 -0.91
CA TYR B 9 11.53 2.17 -2.30
C TYR B 9 10.58 1.46 -3.25
N ASP B 10 10.01 0.33 -2.83
CA ASP B 10 9.15 -0.47 -3.69
C ASP B 10 7.72 0.04 -3.74
N THR B 11 7.45 1.24 -3.24
CA THR B 11 6.11 1.80 -3.32
C THR B 11 5.70 1.96 -4.77
N PRO B 12 4.52 1.50 -5.17
CA PRO B 12 4.09 1.68 -6.56
C PRO B 12 4.10 3.15 -6.96
N VAL B 13 4.41 3.38 -8.24
CA VAL B 13 4.56 4.76 -8.73
C VAL B 13 3.27 5.54 -8.56
N GLU B 14 2.12 4.91 -8.86
CA GLU B 14 0.85 5.61 -8.75
C GLU B 14 0.54 6.01 -7.32
N ASP B 15 1.06 5.27 -6.34
CA ASP B 15 0.90 5.67 -4.94
C ASP B 15 1.67 6.96 -4.65
N VAL B 16 2.93 7.02 -5.11
CA VAL B 16 3.74 8.21 -4.87
C VAL B 16 3.10 9.44 -5.50
N MET B 17 2.63 9.31 -6.73
CA MET B 17 1.97 10.44 -7.39
C MET B 17 0.68 10.83 -6.67
N ARG B 18 -0.02 9.84 -6.12
CA ARG B 18 -1.23 10.15 -5.36
C ARG B 18 -0.90 10.96 -4.10
N ILE B 19 0.14 10.53 -3.37
CA ILE B 19 0.56 11.28 -2.18
C ILE B 19 1.08 12.66 -2.59
N LEU B 20 1.80 12.74 -3.71
CA LEU B 20 2.26 14.04 -4.19
C LEU B 20 1.09 14.97 -4.50
N LYS B 21 0.04 14.44 -5.11
CA LYS B 21 -1.13 15.28 -5.42
C LYS B 21 -1.84 15.70 -4.15
N GLU B 22 -1.92 14.82 -3.16
CA GLU B 22 -2.70 15.12 -1.95
C GLU B 22 -1.89 15.94 -0.96
N SER B 23 -0.68 15.51 -0.64
CA SER B 23 0.13 16.17 0.39
C SER B 23 1.14 17.16 -0.16
N GLY B 24 1.52 17.03 -1.42
CA GLY B 24 2.47 17.96 -2.03
C GLY B 24 3.93 17.63 -1.80
N THR B 25 4.24 16.59 -1.02
CA THR B 25 5.60 16.18 -0.74
C THR B 25 5.58 14.84 -0.04
N LEU B 26 6.72 14.17 -0.05
CA LEU B 26 6.90 12.92 0.69
C LEU B 26 8.37 12.57 0.68
N VAL B 27 8.72 11.54 1.46
CA VAL B 27 10.08 11.02 1.54
C VAL B 27 10.06 9.58 1.06
N ILE B 28 11.02 9.24 0.20
CA ILE B 28 11.20 7.88 -0.29
C ILE B 28 12.43 7.32 0.43
N ARG B 29 12.19 6.46 1.42
CA ARG B 29 13.29 5.92 2.21
C ARG B 29 14.22 5.07 1.34
N ASN B 30 15.53 5.22 1.58
CA ASN B 30 16.56 4.52 0.82
C ASN B 30 16.40 4.77 -0.68
N PHE B 31 16.01 6.00 -1.01
CA PHE B 31 15.99 6.45 -2.40
C PHE B 31 17.31 6.13 -3.11
N LEU B 32 18.42 6.36 -2.42
CA LEU B 32 19.74 5.92 -2.83
C LEU B 32 20.36 5.13 -1.70
N ASP B 33 21.29 4.24 -2.04
CA ASP B 33 22.13 3.67 -1.01
C ASP B 33 23.06 4.74 -0.47
N GLN B 34 23.41 4.62 0.81
CA GLN B 34 24.22 5.63 1.47
C GLN B 34 25.50 5.94 0.69
N ASN B 35 26.03 4.96 -0.04
CA ASN B 35 27.36 5.05 -0.62
C ASN B 35 27.37 5.57 -2.06
N THR B 36 26.21 5.63 -2.71
CA THR B 36 26.11 6.44 -3.92
C THR B 36 26.19 7.92 -3.58
N VAL B 37 25.51 8.34 -2.51
CA VAL B 37 25.57 9.73 -2.06
C VAL B 37 26.97 10.06 -1.56
N GLN B 38 27.60 9.13 -0.85
CA GLN B 38 28.96 9.36 -0.39
C GLN B 38 29.95 9.45 -1.55
N LYS B 39 29.71 8.69 -2.62
CA LYS B 39 30.57 8.75 -3.79
C LYS B 39 30.52 10.14 -4.44
N VAL B 40 29.34 10.74 -4.50
CA VAL B 40 29.20 12.08 -5.08
C VAL B 40 30.01 13.08 -4.26
N GLN B 41 29.95 12.97 -2.93
CA GLN B 41 30.71 13.89 -2.08
C GLN B 41 32.21 13.68 -2.24
N ASP B 42 32.65 12.42 -2.32
CA ASP B 42 34.07 12.14 -2.50
C ASP B 42 34.56 12.70 -3.83
N GLU B 43 33.75 12.57 -4.89
CA GLU B 43 34.15 13.11 -6.19
C GLU B 43 34.11 14.63 -6.20
N VAL B 44 33.22 15.24 -5.42
CA VAL B 44 33.21 16.69 -5.30
C VAL B 44 34.48 17.17 -4.60
N ASP B 45 34.84 16.51 -3.50
CA ASP B 45 36.07 16.86 -2.80
C ASP B 45 37.29 16.64 -3.70
N ASP B 46 37.29 15.57 -4.49
CA ASP B 46 38.41 15.32 -5.40
C ASP B 46 38.50 16.39 -6.48
N TYR B 47 37.37 16.97 -6.89
CA TYR B 47 37.40 18.00 -7.91
C TYR B 47 37.91 19.32 -7.35
N VAL B 48 37.32 19.80 -6.25
CA VAL B 48 37.68 21.11 -5.73
C VAL B 48 39.09 21.11 -5.15
N ARG B 49 39.52 19.99 -4.57
CA ARG B 49 40.86 19.85 -3.99
C ARG B 49 41.20 21.01 -3.04
N ASN B 50 40.30 21.26 -2.10
CA ASN B 50 40.55 22.28 -1.09
C ASN B 50 41.76 21.89 -0.25
N TRP B 51 42.59 22.87 0.06
CA TRP B 51 43.77 22.62 0.88
C TRP B 51 43.37 22.35 2.32
N ASN B 52 43.69 21.17 2.82
CA ASN B 52 43.44 20.82 4.22
C ASN B 52 44.77 20.85 4.98
N PRO B 53 44.99 21.83 5.86
CA PRO B 53 46.27 21.89 6.57
C PRO B 53 46.43 20.74 7.54
N GLY B 54 47.66 20.23 7.62
CA GLY B 54 47.99 19.25 8.62
C GLY B 54 48.05 19.87 10.00
N PRO B 55 48.38 19.06 11.00
CA PRO B 55 48.46 19.58 12.37
C PRO B 55 49.61 20.54 12.59
N LYS B 56 50.63 20.53 11.73
CA LYS B 56 51.78 21.40 11.90
C LYS B 56 52.33 21.77 10.53
N TYR B 57 53.13 22.83 10.50
CA TYR B 57 53.80 23.24 9.28
C TYR B 57 54.74 22.14 8.81
N ASN B 58 54.65 21.79 7.52
CA ASN B 58 55.35 20.62 7.00
C ASN B 58 56.16 20.96 5.74
N HIS B 59 56.66 22.19 5.65
CA HIS B 59 57.55 22.60 4.58
C HIS B 59 56.95 22.37 3.19
N SER B 66 47.37 25.75 -5.92
CA SER B 66 47.08 26.01 -7.32
C SER B 66 46.18 24.92 -7.90
N LYS B 67 46.11 23.78 -7.21
CA LYS B 67 45.25 22.70 -7.65
C LYS B 67 43.77 23.01 -7.40
N THR B 68 43.47 23.90 -6.47
CA THR B 68 42.09 24.15 -6.08
C THR B 68 41.32 24.82 -7.20
N LYS B 69 40.12 24.29 -7.48
CA LYS B 69 39.18 24.92 -8.39
C LYS B 69 37.94 25.35 -7.63
N GLN B 70 37.15 26.21 -8.27
CA GLN B 70 35.87 26.58 -7.70
C GLN B 70 34.83 25.51 -8.00
N PRO B 71 33.82 25.37 -7.15
CA PRO B 71 32.76 24.38 -7.43
C PRO B 71 32.03 24.71 -8.73
N SER B 72 31.86 23.70 -9.57
CA SER B 72 31.16 23.82 -10.83
C SER B 72 29.88 23.00 -10.78
N ASN B 73 29.34 22.67 -11.95
CA ASN B 73 28.14 21.84 -12.02
C ASN B 73 28.40 20.49 -11.37
N LEU B 74 27.42 20.00 -10.62
CA LEU B 74 27.55 18.69 -9.99
C LEU B 74 27.74 17.59 -11.02
N SER B 75 27.16 17.75 -12.21
CA SER B 75 27.34 16.76 -13.26
C SER B 75 28.76 16.78 -13.81
N LEU B 76 29.43 17.94 -13.77
CA LEU B 76 30.82 18.00 -14.18
C LEU B 76 31.76 17.51 -13.09
N MET B 77 31.42 17.79 -11.82
CA MET B 77 32.31 17.47 -10.72
C MET B 77 32.29 15.98 -10.37
N SER B 78 31.13 15.34 -10.47
CA SER B 78 30.96 13.97 -9.98
C SER B 78 30.46 13.09 -11.11
N LYS B 79 31.27 12.07 -11.45
CA LYS B 79 30.84 11.09 -12.45
C LYS B 79 29.64 10.30 -11.98
N THR B 80 29.59 9.98 -10.68
CA THR B 80 28.45 9.25 -10.14
C THR B 80 27.17 10.06 -10.29
N TYR B 81 27.26 11.39 -10.13
CA TYR B 81 26.08 12.23 -10.24
C TYR B 81 25.51 12.20 -11.66
N ARG B 82 26.38 12.32 -12.66
CA ARG B 82 25.92 12.43 -14.05
C ARG B 82 25.64 11.09 -14.71
N CYS B 83 26.22 10.00 -14.20
CA CYS B 83 26.02 8.68 -14.78
C CYS B 83 25.02 7.83 -14.01
N GLU B 84 24.87 8.05 -12.71
CA GLU B 84 24.03 7.22 -11.86
C GLU B 84 22.87 7.99 -11.25
N VAL B 85 23.14 9.13 -10.62
CA VAL B 85 22.08 9.88 -9.95
C VAL B 85 21.08 10.43 -10.96
N LEU B 86 21.56 10.94 -12.09
CA LEU B 86 20.69 11.53 -13.09
C LEU B 86 19.93 10.48 -13.91
N ASN B 87 20.32 9.21 -13.81
CA ASN B 87 19.58 8.11 -14.44
C ASN B 87 18.64 7.43 -13.45
N HIS B 88 18.38 8.05 -12.31
CA HIS B 88 17.61 7.41 -11.25
C HIS B 88 16.18 7.15 -11.73
N PRO B 89 15.72 5.89 -11.74
CA PRO B 89 14.39 5.59 -12.30
C PRO B 89 13.25 6.24 -11.54
N TRP B 90 13.45 6.58 -10.26
CA TRP B 90 12.37 7.22 -9.51
C TRP B 90 12.16 8.67 -9.95
N MET B 91 13.26 9.37 -10.24
CA MET B 91 13.13 10.75 -10.72
C MET B 91 12.39 10.80 -12.05
N HIS B 92 12.76 9.91 -12.98
CA HIS B 92 12.16 9.95 -14.31
C HIS B 92 10.73 9.41 -14.29
N ALA B 93 10.44 8.45 -13.41
CA ALA B 93 9.07 7.97 -13.29
C ALA B 93 8.13 9.08 -12.81
N ILE B 94 8.60 9.91 -11.89
CA ILE B 94 7.77 11.00 -11.38
C ILE B 94 7.75 12.16 -12.37
N CYS B 95 8.89 12.48 -12.98
CA CYS B 95 8.94 13.57 -13.94
C CYS B 95 8.10 13.26 -15.18
N GLU B 96 8.12 12.00 -15.63
CA GLU B 96 7.32 11.61 -16.78
C GLU B 96 5.84 11.86 -16.52
N ARG B 97 5.36 11.50 -15.33
CA ARG B 97 3.95 11.65 -15.00
C ARG B 97 3.57 13.06 -14.58
N MET B 98 4.55 13.88 -14.20
CA MET B 98 4.26 15.25 -13.81
C MET B 98 4.25 16.21 -15.00
N PHE B 99 5.23 16.10 -15.89
CA PHE B 99 5.36 17.02 -17.01
C PHE B 99 4.91 16.45 -18.34
N GLY B 100 4.96 15.13 -18.50
CA GLY B 100 4.67 14.47 -19.76
C GLY B 100 3.34 14.84 -20.39
N PRO B 101 2.24 14.65 -19.67
CA PRO B 101 0.92 14.91 -20.27
C PRO B 101 0.73 16.34 -20.78
N THR B 102 1.32 17.33 -20.12
CA THR B 102 1.13 18.73 -20.51
C THR B 102 2.27 19.26 -21.36
N TYR B 103 3.52 19.00 -20.99
CA TYR B 103 4.66 19.60 -21.67
C TYR B 103 5.41 18.65 -22.59
N GLY B 104 5.19 17.34 -22.45
CA GLY B 104 5.96 16.38 -23.22
C GLY B 104 7.30 16.07 -22.57
N ASP B 105 8.38 16.59 -23.13
CA ASP B 105 9.70 16.33 -22.58
C ASP B 105 9.97 17.23 -21.37
N TYR B 106 10.89 16.77 -20.53
CA TYR B 106 11.44 17.53 -19.42
C TYR B 106 12.95 17.41 -19.50
N TRP B 107 13.65 18.23 -18.71
CA TRP B 107 15.10 18.12 -18.64
C TRP B 107 15.59 18.72 -17.32
N PHE B 108 16.90 18.57 -17.11
CA PHE B 108 17.53 18.99 -15.86
C PHE B 108 17.43 20.50 -15.68
N ASN B 109 16.98 20.93 -14.50
CA ASN B 109 16.90 22.35 -14.19
C ASN B 109 18.16 22.84 -13.50
N GLY B 110 18.61 22.14 -12.46
CA GLY B 110 19.80 22.51 -11.73
C GLY B 110 20.02 21.65 -10.50
N GLY B 111 21.29 21.43 -10.16
CA GLY B 111 21.66 20.73 -8.95
C GLY B 111 22.21 21.69 -7.90
N ALA B 112 22.48 21.13 -6.72
CA ALA B 112 22.98 21.94 -5.62
C ALA B 112 23.62 21.06 -4.56
N ILE B 113 24.71 21.55 -3.98
CA ILE B 113 25.30 20.96 -2.80
C ILE B 113 24.68 21.65 -1.59
N LEU B 114 23.78 20.96 -0.90
CA LEU B 114 23.02 21.55 0.21
C LEU B 114 23.72 21.22 1.53
N HIS B 115 24.84 21.89 1.76
CA HIS B 115 25.64 21.71 2.96
C HIS B 115 25.37 22.85 3.93
N LEU B 116 24.83 22.50 5.10
CA LEU B 116 24.49 23.47 6.14
C LEU B 116 25.64 23.51 7.15
N GLU B 117 26.34 24.63 7.23
CA GLU B 117 27.43 24.77 8.18
C GLU B 117 26.88 24.85 9.60
N PRO B 118 27.68 24.46 10.60
CA PRO B 118 27.26 24.66 12.00
C PRO B 118 27.03 26.12 12.29
N GLY B 119 25.89 26.42 12.92
CA GLY B 119 25.52 27.78 13.22
C GLY B 119 24.71 28.48 12.15
N GLU B 120 24.50 27.83 11.00
CA GLU B 120 23.67 28.43 9.96
C GLU B 120 22.26 28.67 10.48
N ASN B 121 21.68 29.79 10.07
CA ASN B 121 20.37 30.18 10.55
C ASN B 121 19.26 29.54 9.72
N THR B 122 18.01 29.76 10.14
CA THR B 122 16.87 29.21 9.42
C THR B 122 16.69 29.95 8.09
N GLN B 123 16.57 29.17 7.01
CA GLN B 123 16.35 29.74 5.68
C GLN B 123 14.90 30.21 5.55
N PRO B 124 14.65 31.31 4.82
CA PRO B 124 13.27 31.76 4.62
C PRO B 124 12.41 30.67 3.99
N ILE B 125 11.14 30.64 4.41
CA ILE B 125 10.17 29.69 3.88
C ILE B 125 9.73 30.16 2.50
N HIS B 126 9.82 29.27 1.51
CA HIS B 126 9.66 29.68 0.13
C HIS B 126 9.07 28.55 -0.70
N GLN B 127 8.54 28.93 -1.87
CA GLN B 127 8.25 27.99 -2.94
C GLN B 127 9.38 28.05 -3.96
N ASP B 128 9.77 26.89 -4.49
CA ASP B 128 10.90 26.86 -5.41
C ASP B 128 10.59 27.48 -6.76
N HIS B 129 9.31 27.53 -7.17
CA HIS B 129 8.93 28.09 -8.45
C HIS B 129 8.71 29.60 -8.40
N VAL B 130 9.23 30.27 -7.37
CA VAL B 130 9.01 31.71 -7.24
C VAL B 130 9.74 32.48 -8.33
N PHE B 131 10.85 31.95 -8.83
CA PHE B 131 11.62 32.64 -9.85
C PHE B 131 11.10 32.39 -11.26
N TYR B 132 10.03 31.61 -11.41
CA TYR B 132 9.31 31.53 -12.68
C TYR B 132 8.26 32.63 -12.68
N GLN B 133 8.41 33.60 -13.59
CA GLN B 133 7.45 34.69 -13.65
C GLN B 133 6.07 34.19 -14.03
N ILE B 134 5.99 33.07 -14.75
CA ILE B 134 4.71 32.50 -15.15
C ILE B 134 3.99 31.80 -14.01
N SER B 135 4.62 31.67 -12.84
CA SER B 135 3.93 31.13 -11.68
C SER B 135 2.74 32.00 -11.27
N LYS B 136 2.76 33.28 -11.64
CA LYS B 136 1.61 34.15 -11.39
C LYS B 136 0.42 33.78 -12.26
N TRP B 137 0.66 33.14 -13.41
CA TRP B 137 -0.43 32.67 -14.26
C TRP B 137 -0.89 31.26 -13.90
N ARG B 138 -0.09 30.52 -13.14
CA ARG B 138 -0.38 29.12 -12.86
C ARG B 138 -1.45 28.99 -11.78
N ARG B 139 -2.26 27.96 -11.92
CA ARG B 139 -3.26 27.55 -10.93
C ARG B 139 -2.73 26.37 -10.12
N PRO B 140 -3.12 26.26 -8.84
CA PRO B 140 -2.62 25.15 -8.03
C PRO B 140 -3.01 23.77 -8.56
N THR B 141 -4.05 23.68 -9.39
CA THR B 141 -4.42 22.40 -10.00
C THR B 141 -3.58 22.09 -11.23
N ASP B 142 -2.95 23.10 -11.84
CA ASP B 142 -2.07 22.87 -12.97
C ASP B 142 -0.82 22.10 -12.53
N PRO B 143 -0.13 21.45 -13.47
CA PRO B 143 1.12 20.78 -13.11
C PRO B 143 2.16 21.76 -12.57
N ASP B 144 3.14 21.21 -11.87
CA ASP B 144 4.17 22.04 -11.27
C ASP B 144 5.15 22.55 -12.34
N LEU B 145 5.74 23.71 -12.06
CA LEU B 145 6.72 24.30 -12.97
C LEU B 145 8.10 23.68 -12.83
N THR B 146 8.35 22.97 -11.72
CA THR B 146 9.63 22.32 -11.47
C THR B 146 9.43 21.38 -10.28
N ILE B 147 10.38 20.46 -10.12
CA ILE B 147 10.36 19.50 -9.02
C ILE B 147 11.79 19.23 -8.58
N ASN B 148 11.99 19.09 -7.27
CA ASN B 148 13.30 18.96 -6.67
C ASN B 148 13.39 17.63 -5.92
N PHE B 149 14.56 17.00 -5.99
CA PHE B 149 14.86 15.78 -5.25
C PHE B 149 16.03 16.07 -4.32
N THR B 150 15.75 16.18 -3.01
CA THR B 150 16.76 16.51 -2.01
C THR B 150 17.19 15.22 -1.32
N MET B 151 18.39 14.75 -1.63
CA MET B 151 18.91 13.50 -1.10
C MET B 151 19.84 13.79 0.07
N ALA B 152 19.67 13.03 1.16
CA ALA B 152 20.44 13.24 2.37
C ALA B 152 21.75 12.46 2.33
N LEU B 153 22.85 13.15 2.58
CA LEU B 153 24.14 12.51 2.79
C LEU B 153 24.38 12.24 4.27
N THR B 154 24.37 13.30 5.08
CA THR B 154 24.28 13.12 6.51
C THR B 154 22.82 12.95 6.92
N GLU B 155 22.61 12.61 8.19
CA GLU B 155 21.27 12.56 8.72
C GLU B 155 20.62 13.94 8.64
N PHE B 156 19.31 13.94 8.42
CA PHE B 156 18.51 15.16 8.52
C PHE B 156 17.72 15.08 9.81
N THR B 157 18.03 15.97 10.75
CA THR B 157 17.38 15.98 12.05
C THR B 157 16.83 17.39 12.32
N VAL B 158 16.03 17.49 13.38
CA VAL B 158 15.52 18.80 13.80
C VAL B 158 16.67 19.74 14.13
N GLU B 159 17.68 19.23 14.86
CA GLU B 159 18.72 20.09 15.39
C GLU B 159 19.69 20.54 14.30
N ASN B 160 20.07 19.65 13.38
CA ASN B 160 21.03 20.02 12.35
C ASN B 160 20.41 20.76 11.18
N GLY B 161 19.16 21.20 11.31
CA GLY B 161 18.55 22.02 10.28
C GLY B 161 17.95 21.27 9.12
N GLY B 162 17.41 20.07 9.36
CA GLY B 162 16.78 19.33 8.29
C GLY B 162 15.62 20.10 7.69
N THR B 163 15.35 19.81 6.42
CA THR B 163 14.32 20.55 5.68
C THR B 163 12.96 20.36 6.34
N ARG B 164 12.18 21.44 6.34
CA ARG B 164 10.83 21.43 6.88
C ARG B 164 9.84 21.70 5.74
N VAL B 165 8.72 20.97 5.77
CA VAL B 165 7.70 21.08 4.74
C VAL B 165 6.36 21.33 5.40
N CYS B 166 5.47 22.01 4.68
CA CYS B 166 4.10 22.27 5.11
C CYS B 166 3.16 21.49 4.20
N PRO B 167 2.78 20.27 4.57
CA PRO B 167 1.91 19.47 3.68
C PRO B 167 0.60 20.18 3.39
N GLY B 168 0.15 20.06 2.15
CA GLY B 168 -1.06 20.70 1.71
C GLY B 168 -0.91 22.12 1.22
N SER B 169 0.21 22.78 1.57
CA SER B 169 0.44 24.15 1.14
C SER B 169 0.65 24.27 -0.36
N HIS B 170 0.86 23.15 -1.07
CA HIS B 170 0.98 23.19 -2.52
C HIS B 170 -0.34 23.51 -3.20
N LEU B 171 -1.46 23.40 -2.49
CA LEU B 171 -2.77 23.70 -3.05
C LEU B 171 -3.25 25.10 -2.69
N TRP B 172 -2.46 25.87 -1.95
CA TRP B 172 -2.84 27.23 -1.59
C TRP B 172 -2.89 28.12 -2.81
N GLU B 173 -3.75 29.13 -2.77
CA GLU B 173 -3.84 30.08 -3.87
C GLU B 173 -2.55 30.89 -3.99
N ASN B 174 -2.40 31.58 -5.12
CA ASN B 174 -1.15 32.26 -5.42
C ASN B 174 -0.92 33.48 -4.53
N GLY B 175 -1.96 34.02 -3.90
CA GLY B 175 -1.79 35.12 -2.98
C GLY B 175 -1.61 34.73 -1.53
N HIS B 176 -1.72 33.44 -1.23
CA HIS B 176 -1.64 32.96 0.15
C HIS B 176 -0.29 33.33 0.77
N ALA B 177 -0.33 33.70 2.04
CA ALA B 177 0.88 33.99 2.78
C ALA B 177 1.68 32.72 3.05
N SER B 178 2.95 32.90 3.40
CA SER B 178 3.80 31.77 3.72
C SER B 178 3.29 31.07 4.98
N PRO B 179 3.54 29.77 5.11
CA PRO B 179 3.08 29.06 6.31
C PRO B 179 3.76 29.58 7.57
N ALA B 180 3.03 29.50 8.67
CA ALA B 180 3.61 29.86 9.97
C ALA B 180 4.74 28.91 10.32
N GLU B 181 5.75 29.44 10.99
CA GLU B 181 6.92 28.63 11.36
C GLU B 181 6.52 27.46 12.25
N GLU B 182 5.53 27.67 13.12
CA GLU B 182 5.05 26.58 13.98
C GLU B 182 4.35 25.50 13.17
N ASP B 183 3.89 25.81 11.95
CA ASP B 183 3.19 24.85 11.11
C ASP B 183 4.13 24.09 10.18
N MET B 184 5.44 24.19 10.37
CA MET B 184 6.40 23.54 9.51
C MET B 184 6.76 22.17 10.10
N VAL B 185 6.76 21.15 9.24
CA VAL B 185 6.99 19.76 9.66
C VAL B 185 8.41 19.39 9.28
N PRO B 186 9.30 19.15 10.24
CA PRO B 186 10.69 18.79 9.90
C PRO B 186 10.74 17.41 9.25
N VAL B 187 11.66 17.28 8.28
CA VAL B 187 11.86 16.02 7.56
C VAL B 187 13.07 15.34 8.15
N LEU B 188 12.86 14.17 8.74
CA LEU B 188 13.92 13.39 9.35
C LEU B 188 14.30 12.25 8.42
N MET B 189 15.54 12.26 7.94
CA MET B 189 15.98 11.32 6.92
C MET B 189 17.30 10.66 7.31
N GLN B 190 17.43 9.39 6.94
CA GLN B 190 18.71 8.70 7.03
C GLN B 190 19.53 8.98 5.78
N PRO B 191 20.84 8.69 5.81
CA PRO B 191 21.64 8.78 4.58
C PRO B 191 21.05 7.91 3.48
N GLY B 192 20.72 8.54 2.36
CA GLY B 192 20.14 7.87 1.22
C GLY B 192 18.68 8.18 0.98
N ASP B 193 17.95 8.59 2.01
CA ASP B 193 16.58 9.04 1.80
C ASP B 193 16.55 10.29 0.93
N ALA B 194 15.39 10.56 0.35
CA ALA B 194 15.23 11.74 -0.49
C ALA B 194 13.86 12.35 -0.25
N LEU B 195 13.83 13.68 -0.13
CA LEU B 195 12.59 14.42 0.02
C LEU B 195 12.14 14.95 -1.32
N ILE B 196 10.90 14.66 -1.70
CA ILE B 196 10.34 15.11 -2.97
C ILE B 196 9.74 16.49 -2.76
N LEU B 197 10.23 17.47 -3.52
CA LEU B 197 9.81 18.87 -3.38
C LEU B 197 9.34 19.42 -4.71
N PRO B 198 8.05 19.30 -5.01
CA PRO B 198 7.50 20.05 -6.15
C PRO B 198 7.64 21.55 -5.93
N GLY B 199 7.67 22.29 -7.05
CA GLY B 199 7.91 23.72 -6.99
C GLY B 199 6.89 24.50 -6.20
N SER B 200 5.71 23.94 -5.96
CA SER B 200 4.65 24.65 -5.25
C SER B 200 4.66 24.38 -3.74
N MET B 201 5.47 23.43 -3.28
CA MET B 201 5.51 23.07 -1.87
C MET B 201 6.31 24.11 -1.09
N TRP B 202 5.66 24.76 -0.14
CA TRP B 202 6.35 25.68 0.77
C TRP B 202 7.31 24.91 1.65
N HIS B 203 8.55 25.37 1.73
CA HIS B 203 9.57 24.66 2.49
C HIS B 203 10.71 25.61 2.81
N SER B 204 11.62 25.14 3.66
CA SER B 204 12.80 25.88 4.05
C SER B 204 13.69 24.98 4.88
N ALA B 205 15.00 25.22 4.78
CA ALA B 205 15.95 24.54 5.65
C ALA B 205 15.88 25.14 7.05
N GLY B 206 16.16 24.31 8.04
CA GLY B 206 16.22 24.77 9.41
C GLY B 206 17.59 25.27 9.80
N ALA B 207 17.67 25.82 11.00
CA ALA B 207 18.95 26.27 11.54
C ALA B 207 19.75 25.08 12.04
N ASN B 208 21.03 25.05 11.68
CA ASN B 208 21.94 23.98 12.12
C ASN B 208 22.51 24.38 13.48
N ARG B 209 21.92 23.87 14.55
CA ARG B 209 22.35 24.16 15.91
C ARG B 209 23.18 23.01 16.49
N THR B 210 23.90 22.28 15.65
CA THR B 210 24.84 21.25 16.06
C THR B 210 26.24 21.64 15.60
N SER B 211 27.22 20.83 15.98
CA SER B 211 28.63 21.12 15.70
C SER B 211 29.13 20.48 14.42
N GLU B 212 28.27 19.78 13.67
CA GLU B 212 28.68 19.10 12.45
C GLU B 212 27.81 19.52 11.28
N TYR B 213 28.36 19.37 10.08
CA TYR B 213 27.68 19.79 8.87
C TYR B 213 26.45 18.94 8.61
N ARG B 214 25.40 19.57 8.08
CA ARG B 214 24.26 18.86 7.50
C ARG B 214 24.46 18.86 6.00
N ARG B 215 24.76 17.70 5.43
CA ARG B 215 25.20 17.58 4.05
C ARG B 215 24.20 16.80 3.22
N GLY B 216 23.98 17.24 1.99
CA GLY B 216 23.06 16.59 1.09
C GLY B 216 23.22 17.16 -0.30
N PHE B 217 22.54 16.52 -1.25
CA PHE B 217 22.57 16.93 -2.65
C PHE B 217 21.16 17.03 -3.20
N ALA B 218 21.02 17.83 -4.25
CA ALA B 218 19.71 18.09 -4.85
C ALA B 218 19.78 17.95 -6.36
N THR B 219 18.73 17.39 -6.95
CA THR B 219 18.48 17.46 -8.38
C THR B 219 17.15 18.13 -8.60
N SER B 220 16.99 18.75 -9.77
CA SER B 220 15.72 19.38 -10.11
C SER B 220 15.49 19.29 -11.61
N PHE B 221 14.25 19.02 -11.99
CA PHE B 221 13.85 18.95 -13.38
C PHE B 221 12.63 19.84 -13.59
N HIS B 222 12.42 20.24 -14.84
CA HIS B 222 11.30 21.11 -15.19
C HIS B 222 10.98 20.91 -16.67
N PRO B 223 9.83 21.41 -17.13
CA PRO B 223 9.44 21.21 -18.54
C PRO B 223 10.53 21.64 -19.52
N CYS B 224 10.56 20.96 -20.67
CA CYS B 224 11.60 21.18 -21.66
C CYS B 224 11.52 22.57 -22.29
N HIS B 225 10.37 23.24 -22.19
CA HIS B 225 10.24 24.57 -22.77
C HIS B 225 10.73 25.68 -21.85
N PHE B 226 11.20 25.34 -20.65
CA PHE B 226 11.76 26.32 -19.73
C PHE B 226 13.28 26.23 -19.72
N THR B 227 13.92 27.38 -19.63
CA THR B 227 15.39 27.42 -19.66
C THR B 227 15.95 26.98 -18.32
N PRO B 228 16.89 26.03 -18.30
CA PRO B 228 17.41 25.54 -17.02
C PRO B 228 18.27 26.57 -16.32
N ILE B 229 18.37 26.43 -15.00
CA ILE B 229 19.25 27.28 -14.22
C ILE B 229 20.69 27.11 -14.66
N GLU B 230 21.11 25.86 -14.86
CA GLU B 230 22.48 25.52 -15.20
C GLU B 230 22.59 25.14 -16.66
N SER B 231 23.58 25.69 -17.35
CA SER B 231 24.01 25.19 -18.64
C SER B 231 25.13 24.19 -18.44
N HIS B 232 25.22 23.22 -19.35
CA HIS B 232 26.28 22.23 -19.32
C HIS B 232 27.08 22.24 -20.62
N HIS B 233 26.99 23.32 -21.39
CA HIS B 233 27.70 23.44 -22.66
C HIS B 233 29.20 23.51 -22.49
N HIS B 234 29.70 23.75 -21.27
CA HIS B 234 31.13 23.82 -21.02
C HIS B 234 31.74 22.47 -20.67
N LEU B 235 30.94 21.42 -20.57
CA LEU B 235 31.48 20.12 -20.20
C LEU B 235 32.27 19.54 -21.36
N PRO B 236 33.39 18.85 -21.08
CA PRO B 236 34.19 18.26 -22.16
C PRO B 236 33.41 17.19 -22.90
N ARG B 237 33.76 17.01 -24.17
CA ARG B 237 33.03 16.07 -25.03
C ARG B 237 33.13 14.64 -24.52
N GLU B 238 34.26 14.27 -23.91
CA GLU B 238 34.41 12.92 -23.37
C GLU B 238 33.36 12.65 -22.32
N MET B 239 33.03 13.64 -21.50
CA MET B 239 32.01 13.47 -20.47
C MET B 239 30.64 13.26 -21.08
N VAL B 240 30.30 14.04 -22.12
CA VAL B 240 28.99 13.93 -22.73
C VAL B 240 28.81 12.57 -23.40
N GLU B 241 29.87 12.08 -24.05
CA GLU B 241 29.79 10.81 -24.76
C GLU B 241 29.65 9.63 -23.81
N GLU B 242 29.95 9.81 -22.52
CA GLU B 242 29.80 8.73 -21.56
C GLU B 242 28.44 8.71 -20.87
N MET B 243 27.67 9.80 -20.97
CA MET B 243 26.34 9.80 -20.40
C MET B 243 25.39 8.99 -21.26
N THR B 244 24.36 8.44 -20.63
CA THR B 244 23.31 7.76 -21.36
C THR B 244 22.58 8.74 -22.25
N PRO B 245 21.93 8.25 -23.32
CA PRO B 245 21.10 9.14 -24.15
C PRO B 245 20.07 9.91 -23.36
N LEU B 246 19.55 9.32 -22.27
CA LEU B 246 18.59 10.02 -21.42
C LEU B 246 19.23 11.22 -20.73
N VAL B 247 20.42 11.03 -20.15
CA VAL B 247 21.08 12.12 -19.44
C VAL B 247 21.58 13.18 -20.42
N GLN B 248 22.00 12.78 -21.62
CA GLN B 248 22.36 13.75 -22.65
C GLN B 248 21.20 14.69 -22.95
N LYS B 249 19.97 14.15 -22.95
CA LYS B 249 18.80 15.00 -23.11
C LYS B 249 18.56 15.85 -21.86
N MET B 250 18.77 15.25 -20.68
CA MET B 250 18.56 15.99 -19.44
C MET B 250 19.46 17.21 -19.36
N LEU B 251 20.72 17.08 -19.77
CA LEU B 251 21.70 18.14 -19.60
C LEU B 251 21.84 19.04 -20.82
N GLY B 252 20.94 18.92 -21.79
CA GLY B 252 20.85 19.89 -22.86
C GLY B 252 21.64 19.59 -24.11
N PHE B 253 21.93 18.33 -24.40
CA PHE B 253 22.69 17.96 -25.58
C PHE B 253 21.84 17.29 -26.66
N ARG B 254 20.51 17.26 -26.48
CA ARG B 254 19.62 16.62 -27.43
C ARG B 254 18.38 17.48 -27.63
N THR B 255 17.79 17.37 -28.83
CA THR B 255 16.58 18.09 -29.15
C THR B 255 15.41 17.56 -28.31
N LEU B 256 14.57 18.47 -27.85
CA LEU B 256 13.46 18.14 -26.96
C LEU B 256 12.14 18.13 -27.73
N ASN B 257 11.20 17.31 -27.26
CA ASN B 257 9.91 17.12 -27.90
C ASN B 257 8.82 17.68 -27.00
N LEU B 258 8.11 18.70 -27.49
CA LEU B 258 6.95 19.20 -26.78
C LEU B 258 5.79 18.22 -26.93
N HIS B 259 4.69 18.51 -26.22
CA HIS B 259 3.55 17.60 -26.24
C HIS B 259 2.87 17.56 -27.61
N ASN B 260 2.73 18.73 -28.24
CA ASN B 260 2.17 18.80 -29.59
C ASN B 260 3.14 18.25 -30.66
N ASN B 261 4.25 17.69 -30.18
CA ASN B 261 5.31 17.12 -30.99
C ASN B 261 6.06 18.16 -31.81
N VAL B 262 5.89 19.44 -31.48
CA VAL B 262 6.80 20.46 -31.98
C VAL B 262 8.14 20.33 -31.27
N LYS B 263 9.23 20.42 -32.03
CA LYS B 263 10.56 20.27 -31.47
C LYS B 263 11.14 21.62 -31.08
N VAL B 264 11.71 21.68 -29.88
CA VAL B 264 12.51 22.82 -29.44
C VAL B 264 13.94 22.34 -29.24
N TRP B 265 14.84 23.31 -29.07
CA TRP B 265 16.27 23.02 -28.91
C TRP B 265 16.81 22.27 -30.12
N LYS B 266 16.40 22.70 -31.31
CA LYS B 266 16.78 22.06 -32.57
C LYS B 266 18.10 22.63 -33.09
N ALA B 267 18.75 21.82 -33.93
CA ALA B 267 19.91 22.28 -34.71
C ALA B 267 19.40 22.50 -36.12
N GLY B 268 18.99 23.74 -36.41
CA GLY B 268 18.35 24.05 -37.67
C GLY B 268 16.97 23.40 -37.76
N GLU B 269 16.81 22.48 -38.71
CA GLU B 269 15.59 21.70 -38.82
C GLU B 269 15.74 20.28 -38.30
N GLY B 270 16.96 19.86 -37.96
CA GLY B 270 17.22 18.56 -37.43
C GLY B 270 17.49 18.57 -35.94
N ASN B 271 17.99 17.44 -35.45
CA ASN B 271 18.26 17.26 -34.04
C ASN B 271 19.67 17.74 -33.69
N LEU B 272 19.81 18.28 -32.48
CA LEU B 272 21.10 18.80 -32.03
C LEU B 272 22.13 17.69 -31.95
N GLU B 273 21.73 16.51 -31.47
CA GLU B 273 22.67 15.40 -31.36
C GLU B 273 23.18 14.94 -32.71
N ASP B 274 22.37 15.12 -33.76
CA ASP B 274 22.82 14.74 -35.10
C ASP B 274 23.87 15.71 -35.63
N ALA B 275 23.72 17.00 -35.31
CA ALA B 275 24.66 18.00 -35.80
C ALA B 275 25.98 17.98 -35.04
N THR B 276 25.96 17.57 -33.77
CA THR B 276 27.16 17.50 -32.95
C THR B 276 27.80 16.12 -32.96
N GLY B 277 27.28 15.19 -33.75
CA GLY B 277 27.91 13.90 -33.92
C GLY B 277 27.79 12.96 -32.74
N LEU B 278 26.85 13.19 -31.84
CA LEU B 278 26.66 12.30 -30.69
C LEU B 278 26.12 10.95 -31.14
N PRO C 2 -13.17 -14.05 1.53
CA PRO C 2 -12.53 -15.19 0.88
C PRO C 2 -12.55 -15.08 -0.64
N GLN C 3 -11.36 -15.13 -1.26
CA GLN C 3 -11.21 -14.96 -2.69
C GLN C 3 -9.78 -15.32 -3.07
N LEU C 4 -9.62 -15.94 -4.23
CA LEU C 4 -8.29 -16.29 -4.73
C LEU C 4 -7.54 -15.03 -5.17
N HIS C 5 -6.34 -14.84 -4.64
CA HIS C 5 -5.54 -13.66 -4.90
C HIS C 5 -4.27 -14.04 -5.65
N TYR C 6 -4.00 -13.33 -6.74
CA TYR C 6 -2.73 -13.43 -7.46
C TYR C 6 -1.89 -12.22 -7.06
N VAL C 7 -0.76 -12.47 -6.40
CA VAL C 7 0.08 -11.38 -5.89
C VAL C 7 1.47 -11.45 -6.51
N PRO C 8 2.16 -10.33 -6.66
CA PRO C 8 3.51 -10.36 -7.23
C PRO C 8 4.53 -10.88 -6.22
N TYR C 9 5.73 -11.15 -6.74
CA TYR C 9 6.80 -11.72 -5.92
C TYR C 9 7.18 -10.80 -4.77
N ASP C 10 7.15 -9.48 -5.01
CA ASP C 10 7.60 -8.51 -4.02
C ASP C 10 6.52 -8.15 -3.01
N THR C 11 5.43 -8.90 -2.93
CA THR C 11 4.39 -8.63 -1.95
C THR C 11 4.98 -8.76 -0.55
N PRO C 12 4.70 -7.81 0.35
CA PRO C 12 5.21 -7.93 1.72
C PRO C 12 4.76 -9.21 2.37
N VAL C 13 5.65 -9.80 3.17
CA VAL C 13 5.36 -11.08 3.80
C VAL C 13 4.14 -10.97 4.71
N GLU C 14 3.97 -9.83 5.37
CA GLU C 14 2.82 -9.64 6.24
C GLU C 14 1.51 -9.65 5.45
N ASP C 15 1.56 -9.27 4.17
CA ASP C 15 0.37 -9.30 3.34
C ASP C 15 0.02 -10.73 2.93
N VAL C 16 1.03 -11.56 2.70
CA VAL C 16 0.78 -12.95 2.34
C VAL C 16 0.15 -13.69 3.51
N MET C 17 0.67 -13.46 4.73
CA MET C 17 0.10 -14.13 5.90
C MET C 17 -1.33 -13.69 6.15
N ARG C 18 -1.62 -12.40 5.96
CA ARG C 18 -2.98 -11.91 6.14
C ARG C 18 -3.93 -12.52 5.12
N ILE C 19 -3.48 -12.60 3.86
CA ILE C 19 -4.29 -13.28 2.84
C ILE C 19 -4.42 -14.76 3.17
N LEU C 20 -3.37 -15.35 3.73
CA LEU C 20 -3.42 -16.76 4.10
C LEU C 20 -4.42 -17.00 5.23
N LYS C 21 -4.47 -16.10 6.21
CA LYS C 21 -5.43 -16.26 7.29
C LYS C 21 -6.85 -16.01 6.81
N GLU C 22 -7.04 -15.02 5.93
CA GLU C 22 -8.38 -14.64 5.51
C GLU C 22 -8.91 -15.57 4.42
N SER C 23 -8.12 -15.82 3.38
CA SER C 23 -8.58 -16.61 2.25
C SER C 23 -8.11 -18.06 2.28
N GLY C 24 -7.02 -18.36 2.99
CA GLY C 24 -6.56 -19.72 3.11
C GLY C 24 -5.67 -20.22 2.00
N THR C 25 -5.32 -19.37 1.05
CA THR C 25 -4.49 -19.76 -0.10
C THR C 25 -4.23 -18.49 -0.91
N LEU C 26 -3.25 -18.58 -1.81
CA LEU C 26 -2.94 -17.51 -2.75
C LEU C 26 -1.92 -18.04 -3.75
N VAL C 27 -1.64 -17.23 -4.76
CA VAL C 27 -0.64 -17.54 -5.77
C VAL C 27 0.42 -16.45 -5.75
N ILE C 28 1.68 -16.85 -5.60
CA ILE C 28 2.81 -15.94 -5.68
C ILE C 28 3.41 -16.09 -7.07
N ARG C 29 3.26 -15.06 -7.90
CA ARG C 29 3.72 -15.13 -9.27
C ARG C 29 5.22 -14.90 -9.36
N ASN C 30 5.84 -15.54 -10.36
CA ASN C 30 7.29 -15.51 -10.54
C ASN C 30 8.00 -15.99 -9.28
N PHE C 31 7.41 -17.00 -8.64
CA PHE C 31 8.00 -17.60 -7.45
C PHE C 31 9.39 -18.15 -7.75
N LEU C 32 9.51 -18.91 -8.84
CA LEU C 32 10.79 -19.31 -9.37
C LEU C 32 10.96 -18.69 -10.76
N ASP C 33 12.22 -18.48 -11.16
CA ASP C 33 12.45 -18.05 -12.53
C ASP C 33 12.39 -19.25 -13.47
N GLN C 34 12.25 -18.96 -14.76
CA GLN C 34 12.00 -20.03 -15.73
C GLN C 34 13.16 -21.01 -15.81
N ASN C 35 14.39 -20.55 -15.57
CA ASN C 35 15.54 -21.44 -15.70
C ASN C 35 15.60 -22.44 -14.55
N THR C 36 15.22 -22.03 -13.34
CA THR C 36 15.11 -22.98 -12.25
C THR C 36 14.02 -24.01 -12.51
N VAL C 37 12.92 -23.57 -13.12
CA VAL C 37 11.86 -24.49 -13.51
C VAL C 37 12.40 -25.55 -14.48
N GLN C 38 13.25 -25.13 -15.43
CA GLN C 38 13.79 -26.07 -16.40
C GLN C 38 14.82 -27.00 -15.77
N LYS C 39 15.60 -26.49 -14.82
CA LYS C 39 16.69 -27.28 -14.25
C LYS C 39 16.17 -28.49 -13.50
N VAL C 40 15.12 -28.32 -12.70
CA VAL C 40 14.62 -29.42 -11.87
C VAL C 40 13.99 -30.50 -12.74
N GLN C 41 13.25 -30.10 -13.79
CA GLN C 41 12.68 -31.09 -14.70
C GLN C 41 13.78 -31.84 -15.45
N ASP C 42 14.83 -31.12 -15.87
CA ASP C 42 15.96 -31.76 -16.53
C ASP C 42 16.63 -32.76 -15.59
N GLU C 43 16.84 -32.37 -14.33
CA GLU C 43 17.54 -33.24 -13.39
C GLU C 43 16.70 -34.48 -13.05
N VAL C 44 15.38 -34.31 -12.93
CA VAL C 44 14.51 -35.46 -12.72
C VAL C 44 14.53 -36.37 -13.94
N ASP C 45 14.43 -35.79 -15.13
CA ASP C 45 14.49 -36.58 -16.36
C ASP C 45 15.81 -37.34 -16.46
N ASP C 46 16.91 -36.73 -16.01
CA ASP C 46 18.20 -37.41 -16.04
C ASP C 46 18.22 -38.61 -15.09
N TYR C 47 17.59 -38.47 -13.93
CA TYR C 47 17.61 -39.54 -12.93
C TYR C 47 16.78 -40.74 -13.38
N VAL C 48 15.58 -40.49 -13.89
CA VAL C 48 14.65 -41.55 -14.24
C VAL C 48 14.72 -41.83 -15.74
N ARG C 49 15.89 -41.61 -16.34
CA ARG C 49 16.06 -41.79 -17.77
C ARG C 49 15.70 -43.21 -18.19
N ASN C 50 14.71 -43.33 -19.07
CA ASN C 50 14.22 -44.62 -19.52
C ASN C 50 15.28 -45.41 -20.28
N GLN C 70 13.71 -46.05 -10.70
CA GLN C 70 12.40 -45.51 -10.34
C GLN C 70 12.56 -44.18 -9.59
N PRO C 71 11.58 -43.29 -9.75
CA PRO C 71 11.68 -41.97 -9.10
C PRO C 71 11.77 -42.08 -7.59
N SER C 72 12.73 -41.37 -7.01
CA SER C 72 12.90 -41.35 -5.55
C SER C 72 12.62 -39.97 -5.00
N ASN C 73 13.31 -39.58 -3.93
CA ASN C 73 13.11 -38.26 -3.35
C ASN C 73 13.57 -37.18 -4.32
N LEU C 74 12.80 -36.10 -4.38
CA LEU C 74 13.16 -34.98 -5.27
C LEU C 74 14.50 -34.38 -4.90
N SER C 75 14.83 -34.38 -3.60
CA SER C 75 16.13 -33.86 -3.19
C SER C 75 17.27 -34.80 -3.60
N LEU C 76 16.96 -36.08 -3.77
CA LEU C 76 17.95 -37.03 -4.29
C LEU C 76 18.10 -36.91 -5.80
N MET C 77 16.99 -36.69 -6.50
CA MET C 77 17.02 -36.69 -7.96
C MET C 77 17.55 -35.39 -8.53
N SER C 78 17.28 -34.26 -7.88
CA SER C 78 17.55 -32.94 -8.44
C SER C 78 18.49 -32.16 -7.53
N LYS C 79 19.66 -31.80 -8.06
CA LYS C 79 20.56 -30.93 -7.31
C LYS C 79 19.96 -29.54 -7.14
N THR C 80 19.27 -29.03 -8.16
CA THR C 80 18.63 -27.73 -8.06
C THR C 80 17.56 -27.71 -6.98
N TYR C 81 16.86 -28.84 -6.80
CA TYR C 81 15.83 -28.93 -5.78
C TYR C 81 16.43 -28.78 -4.38
N ARG C 82 17.48 -29.55 -4.09
CA ARG C 82 18.06 -29.55 -2.74
C ARG C 82 18.96 -28.36 -2.50
N CYS C 83 19.55 -27.78 -3.54
CA CYS C 83 20.48 -26.67 -3.35
C CYS C 83 19.81 -25.32 -3.51
N GLU C 84 18.86 -25.20 -4.44
CA GLU C 84 18.22 -23.92 -4.75
C GLU C 84 16.79 -23.84 -4.23
N VAL C 85 15.95 -24.80 -4.59
CA VAL C 85 14.52 -24.71 -4.28
C VAL C 85 14.30 -24.77 -2.77
N LEU C 86 14.95 -25.71 -2.09
CA LEU C 86 14.75 -25.88 -0.66
C LEU C 86 15.34 -24.75 0.17
N ASN C 87 16.08 -23.83 -0.46
CA ASN C 87 16.57 -22.62 0.20
C ASN C 87 15.71 -21.40 -0.13
N HIS C 88 14.55 -21.59 -0.72
CA HIS C 88 13.73 -20.48 -1.21
C HIS C 88 13.33 -19.56 -0.06
N PRO C 89 13.63 -18.26 -0.14
CA PRO C 89 13.34 -17.38 1.00
C PRO C 89 11.86 -17.23 1.30
N TRP C 90 11.00 -17.37 0.28
CA TRP C 90 9.56 -17.26 0.53
C TRP C 90 9.05 -18.44 1.35
N MET C 91 9.52 -19.65 1.04
CA MET C 91 9.09 -20.84 1.78
C MET C 91 9.44 -20.72 3.26
N HIS C 92 10.64 -20.22 3.57
CA HIS C 92 11.08 -20.15 4.95
C HIS C 92 10.51 -18.96 5.69
N ALA C 93 10.30 -17.84 4.99
CA ALA C 93 9.63 -16.69 5.61
C ALA C 93 8.21 -17.05 6.00
N ILE C 94 7.51 -17.80 5.14
CA ILE C 94 6.14 -18.19 5.44
C ILE C 94 6.11 -19.25 6.54
N CYS C 95 6.95 -20.28 6.41
CA CYS C 95 6.95 -21.37 7.38
C CYS C 95 7.36 -20.87 8.77
N GLU C 96 8.29 -19.91 8.83
CA GLU C 96 8.72 -19.38 10.12
C GLU C 96 7.57 -18.70 10.86
N ARG C 97 6.75 -17.94 10.14
CA ARG C 97 5.64 -17.24 10.77
C ARG C 97 4.42 -18.14 10.98
N MET C 98 4.36 -19.29 10.32
CA MET C 98 3.23 -20.20 10.49
C MET C 98 3.48 -21.23 11.58
N PHE C 99 4.69 -21.77 11.67
CA PHE C 99 5.02 -22.82 12.63
C PHE C 99 5.87 -22.35 13.80
N GLY C 100 6.67 -21.30 13.60
CA GLY C 100 7.57 -20.79 14.61
C GLY C 100 6.95 -20.50 15.96
N PRO C 101 5.91 -19.65 16.00
CA PRO C 101 5.33 -19.28 17.30
C PRO C 101 4.86 -20.46 18.14
N THR C 102 4.27 -21.48 17.52
CA THR C 102 3.74 -22.60 18.28
C THR C 102 4.72 -23.75 18.40
N TYR C 103 5.35 -24.14 17.30
CA TYR C 103 6.14 -25.36 17.23
C TYR C 103 7.65 -25.13 17.24
N GLY C 104 8.10 -23.91 17.03
CA GLY C 104 9.53 -23.66 16.91
C GLY C 104 10.03 -24.04 15.53
N ASP C 105 10.87 -25.06 15.47
CA ASP C 105 11.43 -25.48 14.19
C ASP C 105 10.40 -26.21 13.34
N TYR C 106 10.58 -26.11 12.03
CA TYR C 106 9.86 -26.89 11.03
C TYR C 106 10.87 -27.62 10.18
N TRP C 107 10.39 -28.57 9.38
CA TRP C 107 11.28 -29.25 8.44
C TRP C 107 10.46 -29.82 7.28
N PHE C 108 11.19 -30.32 6.29
CA PHE C 108 10.60 -30.82 5.06
C PHE C 108 9.64 -31.98 5.36
N ASN C 109 8.44 -31.91 4.80
CA ASN C 109 7.44 -32.95 4.95
C ASN C 109 7.46 -33.92 3.77
N GLY C 110 7.32 -33.40 2.56
CA GLY C 110 7.33 -34.25 1.37
C GLY C 110 7.40 -33.40 0.13
N GLY C 111 7.81 -34.03 -0.96
CA GLY C 111 7.93 -33.37 -2.24
C GLY C 111 7.71 -34.31 -3.39
N ALA C 112 6.85 -33.93 -4.34
CA ALA C 112 6.49 -34.82 -5.43
C ALA C 112 6.34 -34.02 -6.72
N ILE C 113 6.37 -34.74 -7.83
CA ILE C 113 6.06 -34.19 -9.14
C ILE C 113 4.59 -34.45 -9.43
N LEU C 114 3.85 -33.38 -9.74
CA LEU C 114 2.41 -33.45 -9.97
C LEU C 114 2.18 -33.46 -11.49
N HIS C 115 2.07 -34.65 -12.06
CA HIS C 115 1.99 -34.87 -13.50
C HIS C 115 0.65 -35.47 -13.85
N LEU C 116 -0.16 -34.73 -14.61
CA LEU C 116 -1.48 -35.18 -15.04
C LEU C 116 -1.40 -35.65 -16.49
N GLU C 117 -1.73 -36.91 -16.73
CA GLU C 117 -1.82 -37.41 -18.09
C GLU C 117 -3.07 -36.85 -18.77
N PRO C 118 -3.02 -36.66 -20.08
CA PRO C 118 -4.23 -36.24 -20.81
C PRO C 118 -5.35 -37.26 -20.65
N GLY C 119 -6.53 -36.77 -20.32
CA GLY C 119 -7.66 -37.63 -20.05
C GLY C 119 -7.88 -37.99 -18.60
N GLU C 120 -7.02 -37.51 -17.70
CA GLU C 120 -7.20 -37.77 -16.28
C GLU C 120 -8.45 -37.08 -15.77
N ASN C 121 -9.16 -37.74 -14.87
CA ASN C 121 -10.40 -37.22 -14.33
C ASN C 121 -10.12 -36.25 -13.19
N THR C 122 -11.19 -35.67 -12.64
CA THR C 122 -11.04 -34.73 -11.54
C THR C 122 -10.68 -35.46 -10.26
N GLN C 123 -9.61 -34.99 -9.62
CA GLN C 123 -9.18 -35.56 -8.35
C GLN C 123 -10.19 -35.24 -7.26
N PRO C 124 -10.40 -36.15 -6.31
CA PRO C 124 -11.31 -35.85 -5.19
C PRO C 124 -10.86 -34.62 -4.41
N ILE C 125 -11.84 -33.80 -4.04
CA ILE C 125 -11.55 -32.59 -3.28
C ILE C 125 -11.23 -32.96 -1.84
N HIS C 126 -10.10 -32.46 -1.33
CA HIS C 126 -9.56 -32.94 -0.07
C HIS C 126 -8.78 -31.83 0.62
N GLN C 127 -8.52 -32.04 1.91
CA GLN C 127 -7.53 -31.28 2.66
C GLN C 127 -6.27 -32.12 2.82
N ASP C 128 -5.12 -31.46 2.80
CA ASP C 128 -3.86 -32.20 2.87
C ASP C 128 -3.61 -32.76 4.27
N HIS C 129 -4.15 -32.11 5.30
CA HIS C 129 -3.88 -32.54 6.67
C HIS C 129 -4.76 -33.70 7.12
N VAL C 130 -5.53 -34.30 6.21
CA VAL C 130 -6.46 -35.36 6.61
C VAL C 130 -5.70 -36.59 7.12
N PHE C 131 -4.47 -36.80 6.66
CA PHE C 131 -3.69 -37.94 7.10
C PHE C 131 -2.99 -37.72 8.43
N TYR C 132 -3.12 -36.53 9.02
CA TYR C 132 -2.75 -36.30 10.41
C TYR C 132 -3.94 -36.64 11.28
N GLN C 133 -3.79 -37.65 12.15
CA GLN C 133 -4.89 -38.02 13.04
C GLN C 133 -5.20 -36.91 14.03
N ILE C 134 -4.20 -36.06 14.36
CA ILE C 134 -4.43 -34.95 15.27
C ILE C 134 -5.15 -33.79 14.62
N SER C 135 -5.43 -33.86 13.31
CA SER C 135 -6.24 -32.82 12.68
C SER C 135 -7.66 -32.80 13.20
N LYS C 136 -8.14 -33.92 13.75
CA LYS C 136 -9.47 -33.94 14.34
C LYS C 136 -9.51 -33.24 15.69
N TRP C 137 -8.37 -33.14 16.38
CA TRP C 137 -8.30 -32.32 17.59
C TRP C 137 -8.13 -30.84 17.25
N ARG C 138 -7.68 -30.54 16.03
CA ARG C 138 -7.37 -29.17 15.67
C ARG C 138 -8.64 -28.35 15.47
N ARG C 139 -8.52 -27.04 15.67
CA ARG C 139 -9.60 -26.11 15.39
C ARG C 139 -9.14 -25.10 14.35
N PRO C 140 -10.05 -24.61 13.50
CA PRO C 140 -9.63 -23.78 12.36
C PRO C 140 -8.86 -22.52 12.75
N THR C 141 -8.90 -22.11 14.01
CA THR C 141 -8.10 -20.98 14.48
C THR C 141 -6.69 -21.39 14.88
N ASP C 142 -6.40 -22.67 14.97
CA ASP C 142 -5.07 -23.16 15.29
C ASP C 142 -4.17 -23.08 14.07
N PRO C 143 -2.85 -23.00 14.26
CA PRO C 143 -1.94 -23.03 13.12
C PRO C 143 -2.06 -24.34 12.36
N ASP C 144 -1.70 -24.27 11.07
CA ASP C 144 -1.85 -25.43 10.21
C ASP C 144 -0.84 -26.52 10.58
N LEU C 145 -1.20 -27.76 10.25
CA LEU C 145 -0.34 -28.90 10.52
C LEU C 145 0.73 -29.10 9.45
N THR C 146 0.56 -28.47 8.29
CA THR C 146 1.48 -28.61 7.17
C THR C 146 1.11 -27.55 6.14
N ILE C 147 2.07 -27.23 5.28
CA ILE C 147 1.84 -26.28 4.20
C ILE C 147 2.54 -26.80 2.94
N ASN C 148 1.90 -26.60 1.79
CA ASN C 148 2.38 -27.09 0.52
C ASN C 148 2.66 -25.93 -0.41
N PHE C 149 3.73 -26.04 -1.19
CA PHE C 149 4.06 -25.07 -2.24
C PHE C 149 4.02 -25.80 -3.58
N THR C 150 2.98 -25.59 -4.35
CA THR C 150 2.81 -26.23 -5.65
C THR C 150 3.32 -25.28 -6.73
N MET C 151 4.40 -25.68 -7.41
CA MET C 151 5.06 -24.85 -8.41
C MET C 151 4.84 -25.45 -9.79
N ALA C 152 4.54 -24.58 -10.77
CA ALA C 152 4.12 -25.02 -12.09
C ALA C 152 5.33 -25.24 -13.00
N LEU C 153 5.41 -26.45 -13.57
CA LEU C 153 6.35 -26.71 -14.66
C LEU C 153 5.77 -26.21 -15.98
N THR C 154 4.73 -26.89 -16.47
CA THR C 154 3.88 -26.35 -17.52
C THR C 154 2.95 -25.31 -16.92
N GLU C 155 2.23 -24.61 -17.79
CA GLU C 155 1.23 -23.67 -17.31
C GLU C 155 0.04 -24.43 -16.75
N PHE C 156 -0.65 -23.80 -15.81
CA PHE C 156 -1.87 -24.34 -15.22
C PHE C 156 -3.06 -23.60 -15.79
N THR C 157 -3.93 -24.32 -16.49
CA THR C 157 -5.16 -23.75 -17.02
C THR C 157 -6.36 -24.51 -16.46
N VAL C 158 -7.54 -23.88 -16.59
CA VAL C 158 -8.76 -24.53 -16.12
C VAL C 158 -9.03 -25.79 -16.91
N GLU C 159 -8.58 -25.85 -18.16
CA GLU C 159 -8.90 -26.96 -19.05
C GLU C 159 -7.90 -28.09 -19.01
N ASN C 160 -6.66 -27.87 -18.56
CA ASN C 160 -5.68 -28.93 -18.46
C ASN C 160 -5.58 -29.50 -17.04
N GLY C 161 -6.52 -29.17 -16.17
CA GLY C 161 -6.56 -29.76 -14.85
C GLY C 161 -5.80 -29.02 -13.77
N GLY C 162 -5.57 -27.72 -13.95
CA GLY C 162 -4.91 -26.93 -12.93
C GLY C 162 -5.59 -27.02 -11.59
N THR C 163 -4.83 -26.88 -10.51
CA THR C 163 -5.39 -27.05 -9.17
C THR C 163 -6.53 -26.08 -8.93
N ARG C 164 -7.57 -26.56 -8.25
CA ARG C 164 -8.71 -25.75 -7.87
C ARG C 164 -8.78 -25.64 -6.36
N VAL C 165 -9.04 -24.44 -5.86
CA VAL C 165 -9.14 -24.19 -4.44
C VAL C 165 -10.54 -23.66 -4.13
N CYS C 166 -10.89 -23.72 -2.84
CA CYS C 166 -12.14 -23.17 -2.33
C CYS C 166 -11.79 -22.11 -1.31
N PRO C 167 -11.60 -20.85 -1.73
CA PRO C 167 -11.16 -19.80 -0.79
C PRO C 167 -12.08 -19.66 0.42
N GLY C 168 -11.50 -19.75 1.61
CA GLY C 168 -12.22 -19.61 2.85
C GLY C 168 -12.58 -20.93 3.52
N SER C 169 -12.53 -22.04 2.79
CA SER C 169 -12.88 -23.34 3.35
C SER C 169 -11.89 -23.81 4.41
N HIS C 170 -10.73 -23.15 4.52
CA HIS C 170 -9.79 -23.49 5.59
C HIS C 170 -10.33 -23.12 6.96
N LEU C 171 -11.35 -22.27 7.04
CA LEU C 171 -11.97 -21.89 8.29
C LEU C 171 -13.16 -22.76 8.65
N TRP C 172 -13.53 -23.71 7.80
CA TRP C 172 -14.64 -24.60 8.09
C TRP C 172 -14.30 -25.53 9.25
N GLU C 173 -15.32 -25.91 10.01
CA GLU C 173 -15.13 -26.75 11.18
C GLU C 173 -14.77 -28.18 10.77
N ASN C 174 -14.27 -28.94 11.74
CA ASN C 174 -13.93 -30.34 11.49
C ASN C 174 -15.19 -31.14 11.17
N GLY C 175 -15.08 -31.99 10.15
CA GLY C 175 -16.21 -32.77 9.70
C GLY C 175 -17.09 -32.07 8.68
N HIS C 176 -16.79 -30.82 8.33
CA HIS C 176 -17.53 -30.14 7.28
C HIS C 176 -17.40 -30.89 5.97
N ALA C 177 -18.51 -31.05 5.26
CA ALA C 177 -18.50 -31.71 3.97
C ALA C 177 -17.60 -30.97 3.00
N SER C 178 -17.03 -31.71 2.05
CA SER C 178 -16.18 -31.11 1.04
C SER C 178 -16.95 -30.07 0.26
N PRO C 179 -16.26 -29.06 -0.29
CA PRO C 179 -16.96 -28.06 -1.11
C PRO C 179 -17.58 -28.73 -2.33
N ALA C 180 -18.68 -28.13 -2.80
CA ALA C 180 -19.28 -28.58 -4.04
C ALA C 180 -18.34 -28.29 -5.21
N GLU C 181 -18.46 -29.09 -6.27
CA GLU C 181 -17.59 -28.93 -7.43
C GLU C 181 -17.73 -27.54 -8.04
N GLU C 182 -18.94 -26.97 -8.00
CA GLU C 182 -19.15 -25.65 -8.57
C GLU C 182 -18.52 -24.54 -7.74
N ASP C 183 -18.17 -24.81 -6.49
CA ASP C 183 -17.51 -23.84 -5.63
C ASP C 183 -16.00 -23.86 -5.77
N MET C 184 -15.45 -24.74 -6.60
CA MET C 184 -14.00 -24.83 -6.80
C MET C 184 -13.55 -23.73 -7.75
N VAL C 185 -12.47 -23.05 -7.39
CA VAL C 185 -11.93 -21.94 -8.18
C VAL C 185 -10.62 -22.43 -8.81
N PRO C 186 -10.56 -22.59 -10.12
CA PRO C 186 -9.31 -23.03 -10.75
C PRO C 186 -8.20 -21.99 -10.59
N VAL C 187 -6.97 -22.49 -10.53
CA VAL C 187 -5.79 -21.65 -10.34
C VAL C 187 -5.03 -21.61 -11.66
N LEU C 188 -4.85 -20.41 -12.20
CA LEU C 188 -4.17 -20.23 -13.49
C LEU C 188 -2.77 -19.69 -13.22
N MET C 189 -1.76 -20.44 -13.66
CA MET C 189 -0.38 -20.11 -13.38
C MET C 189 0.48 -20.28 -14.63
N GLN C 190 1.41 -19.35 -14.82
CA GLN C 190 2.49 -19.55 -15.77
C GLN C 190 3.59 -20.37 -15.12
N PRO C 191 4.48 -20.98 -15.91
CA PRO C 191 5.63 -21.67 -15.33
C PRO C 191 6.42 -20.79 -14.39
N GLY C 192 6.60 -21.25 -13.16
CA GLY C 192 7.30 -20.47 -12.14
C GLY C 192 6.40 -19.88 -11.08
N ASP C 193 5.09 -19.80 -11.32
CA ASP C 193 4.17 -19.37 -10.28
C ASP C 193 4.00 -20.48 -9.26
N ALA C 194 3.67 -20.10 -8.03
CA ALA C 194 3.47 -21.06 -6.96
C ALA C 194 2.13 -20.82 -6.28
N LEU C 195 1.38 -21.90 -6.06
CA LEU C 195 0.17 -21.86 -5.26
C LEU C 195 0.51 -22.27 -3.83
N ILE C 196 0.09 -21.45 -2.88
CA ILE C 196 0.35 -21.73 -1.46
C ILE C 196 -0.84 -22.49 -0.90
N LEU C 197 -0.59 -23.72 -0.44
CA LEU C 197 -1.64 -24.62 0.03
C LEU C 197 -1.41 -24.98 1.49
N PRO C 198 -1.99 -24.25 2.43
CA PRO C 198 -2.02 -24.72 3.81
C PRO C 198 -2.80 -26.02 3.91
N GLY C 199 -2.49 -26.81 4.93
CA GLY C 199 -3.05 -28.15 5.05
C GLY C 199 -4.56 -28.18 5.22
N SER C 200 -5.18 -27.05 5.55
CA SER C 200 -6.62 -26.98 5.78
C SER C 200 -7.40 -26.51 4.56
N MET C 201 -6.72 -26.15 3.47
CA MET C 201 -7.38 -25.63 2.29
C MET C 201 -7.93 -26.80 1.46
N TRP C 202 -9.24 -26.83 1.27
CA TRP C 202 -9.85 -27.83 0.40
C TRP C 202 -9.46 -27.55 -1.05
N HIS C 203 -9.01 -28.59 -1.75
CA HIS C 203 -8.50 -28.42 -3.10
C HIS C 203 -8.45 -29.77 -3.78
N SER C 204 -8.20 -29.73 -5.10
CA SER C 204 -8.07 -30.94 -5.91
C SER C 204 -7.57 -30.54 -7.29
N ALA C 205 -6.91 -31.48 -7.95
CA ALA C 205 -6.53 -31.31 -9.34
C ALA C 205 -7.75 -31.50 -10.23
N GLY C 206 -7.82 -30.72 -11.31
CA GLY C 206 -8.91 -30.83 -12.24
C GLY C 206 -8.71 -31.93 -13.25
N ALA C 207 -9.70 -32.07 -14.13
CA ALA C 207 -9.61 -33.04 -15.22
C ALA C 207 -8.83 -32.42 -16.39
N ASN C 208 -7.78 -33.12 -16.82
CA ASN C 208 -6.96 -32.65 -17.94
C ASN C 208 -7.67 -33.02 -19.23
N ARG C 209 -8.52 -32.11 -19.72
CA ARG C 209 -9.24 -32.29 -20.97
C ARG C 209 -8.47 -31.74 -22.17
N THR C 210 -7.14 -31.69 -22.09
CA THR C 210 -6.30 -31.24 -23.19
C THR C 210 -5.45 -32.40 -23.69
N SER C 211 -4.63 -32.11 -24.70
CA SER C 211 -3.80 -33.12 -25.35
C SER C 211 -2.39 -33.18 -24.79
N GLU C 212 -2.03 -32.29 -23.87
CA GLU C 212 -0.68 -32.22 -23.33
C GLU C 212 -0.70 -32.37 -21.82
N TYR C 213 0.43 -32.81 -21.28
CA TYR C 213 0.53 -33.07 -19.85
C TYR C 213 0.57 -31.77 -19.06
N ARG C 214 -0.10 -31.76 -17.92
CA ARG C 214 -0.03 -30.67 -16.95
C ARG C 214 0.95 -31.10 -15.87
N ARG C 215 2.14 -30.50 -15.88
CA ARG C 215 3.20 -30.93 -14.92
C ARG C 215 3.57 -29.82 -13.94
N GLY C 216 3.64 -30.19 -12.66
CA GLY C 216 4.06 -29.32 -11.58
C GLY C 216 4.85 -30.11 -10.58
N PHE C 217 5.55 -29.39 -9.71
CA PHE C 217 6.28 -30.02 -8.61
C PHE C 217 6.04 -29.23 -7.34
N ALA C 218 6.10 -29.92 -6.21
CA ALA C 218 5.67 -29.33 -4.94
C ALA C 218 6.69 -29.58 -3.84
N THR C 219 6.67 -28.69 -2.86
CA THR C 219 7.38 -28.85 -1.60
C THR C 219 6.38 -28.71 -0.46
N SER C 220 6.67 -29.35 0.66
CA SER C 220 5.82 -29.24 1.84
C SER C 220 6.66 -29.27 3.10
N PHE C 221 6.26 -28.46 4.07
CA PHE C 221 6.93 -28.38 5.37
C PHE C 221 5.88 -28.51 6.45
N HIS C 222 6.32 -28.96 7.63
CA HIS C 222 5.42 -29.14 8.76
C HIS C 222 6.25 -29.08 10.04
N PRO C 223 5.60 -28.92 11.20
CA PRO C 223 6.36 -28.78 12.46
C PRO C 223 7.36 -29.91 12.68
N CYS C 224 8.46 -29.57 13.34
CA CYS C 224 9.55 -30.52 13.53
C CYS C 224 9.16 -31.68 14.43
N HIS C 225 8.10 -31.54 15.23
CA HIS C 225 7.62 -32.64 16.06
C HIS C 225 6.75 -33.64 15.29
N PHE C 226 6.57 -33.43 13.98
CA PHE C 226 5.79 -34.34 13.15
C PHE C 226 6.72 -35.11 12.23
N THR C 227 6.43 -36.40 12.05
CA THR C 227 7.27 -37.24 11.21
C THR C 227 7.03 -36.92 9.74
N PRO C 228 8.07 -36.66 8.95
CA PRO C 228 7.86 -36.34 7.54
C PRO C 228 7.39 -37.54 6.75
N ILE C 229 6.69 -37.27 5.65
CA ILE C 229 6.29 -38.32 4.73
C ILE C 229 7.52 -39.04 4.20
N GLU C 230 8.59 -38.30 3.92
CA GLU C 230 9.78 -38.83 3.29
C GLU C 230 10.97 -38.76 4.24
N SER C 231 11.75 -39.82 4.26
CA SER C 231 13.07 -39.83 4.89
C SER C 231 14.12 -39.62 3.82
N HIS C 232 15.24 -39.02 4.22
CA HIS C 232 16.33 -38.69 3.29
C HIS C 232 17.67 -39.28 3.73
N HIS C 233 17.65 -40.29 4.60
CA HIS C 233 18.86 -40.86 5.14
C HIS C 233 19.43 -41.99 4.29
N HIS C 234 18.77 -42.31 3.18
CA HIS C 234 19.35 -43.14 2.14
C HIS C 234 20.20 -42.34 1.16
N LEU C 235 20.26 -41.03 1.32
CA LEU C 235 21.04 -40.15 0.45
C LEU C 235 22.52 -40.25 0.80
N PRO C 236 23.40 -40.19 -0.20
CA PRO C 236 24.84 -40.25 0.07
C PRO C 236 25.31 -39.04 0.87
N ARG C 237 26.44 -39.24 1.55
CA ARG C 237 26.93 -38.20 2.46
C ARG C 237 27.35 -36.94 1.73
N GLU C 238 28.07 -37.09 0.61
CA GLU C 238 28.48 -35.92 -0.17
C GLU C 238 27.27 -35.10 -0.59
N MET C 239 26.17 -35.78 -0.93
CA MET C 239 24.93 -35.09 -1.23
C MET C 239 24.45 -34.27 -0.04
N VAL C 240 24.69 -34.76 1.18
CA VAL C 240 24.28 -34.04 2.37
C VAL C 240 25.23 -32.88 2.66
N GLU C 241 26.53 -33.11 2.50
CA GLU C 241 27.52 -32.08 2.83
C GLU C 241 27.48 -30.90 1.86
N GLU C 242 26.95 -31.09 0.65
CA GLU C 242 26.80 -29.98 -0.28
C GLU C 242 25.53 -29.17 -0.04
N MET C 243 24.75 -29.53 0.97
CA MET C 243 23.57 -28.75 1.34
C MET C 243 23.97 -27.65 2.32
N THR C 244 23.18 -26.58 2.32
CA THR C 244 23.31 -25.56 3.35
C THR C 244 22.91 -26.15 4.70
N PRO C 245 23.37 -25.56 5.81
CA PRO C 245 22.92 -26.05 7.12
C PRO C 245 21.41 -25.94 7.30
N LEU C 246 20.76 -25.02 6.60
CA LEU C 246 19.30 -24.91 6.69
C LEU C 246 18.63 -26.11 6.02
N VAL C 247 19.05 -26.44 4.80
CA VAL C 247 18.46 -27.58 4.09
C VAL C 247 18.80 -28.89 4.80
N GLN C 248 20.01 -28.98 5.37
CA GLN C 248 20.36 -30.15 6.15
C GLN C 248 19.36 -30.37 7.28
N LYS C 249 18.97 -29.30 7.96
CA LYS C 249 17.94 -29.42 9.00
C LYS C 249 16.59 -29.76 8.37
N MET C 250 16.30 -29.21 7.19
CA MET C 250 15.03 -29.51 6.53
C MET C 250 14.91 -30.98 6.21
N LEU C 251 16.01 -31.62 5.81
CA LEU C 251 15.98 -32.98 5.32
C LEU C 251 16.31 -34.02 6.38
N GLY C 252 16.38 -33.63 7.65
CA GLY C 252 16.48 -34.58 8.73
C GLY C 252 17.87 -34.96 9.16
N PHE C 253 18.86 -34.07 9.00
CA PHE C 253 20.23 -34.36 9.37
C PHE C 253 20.72 -33.54 10.56
N ARG C 254 19.87 -32.72 11.15
CA ARG C 254 20.25 -31.87 12.27
C ARG C 254 19.20 -31.97 13.36
N THR C 255 19.65 -31.81 14.61
CA THR C 255 18.74 -31.79 15.74
C THR C 255 17.81 -30.59 15.65
N LEU C 256 16.54 -30.81 15.97
CA LEU C 256 15.51 -29.78 15.86
C LEU C 256 15.18 -29.21 17.23
N ASN C 257 14.84 -27.92 17.24
CA ASN C 257 14.53 -27.19 18.47
C ASN C 257 13.05 -26.88 18.51
N LEU C 258 12.37 -27.36 19.55
CA LEU C 258 10.99 -26.99 19.78
C LEU C 258 10.90 -25.57 20.34
N HIS C 259 9.68 -25.06 20.45
CA HIS C 259 9.49 -23.68 20.88
C HIS C 259 10.03 -23.44 22.28
N ASN C 260 10.03 -24.46 23.13
CA ASN C 260 10.60 -24.38 24.46
C ASN C 260 12.10 -24.60 24.48
N ASN C 261 12.72 -24.70 23.30
CA ASN C 261 14.15 -24.98 23.17
C ASN C 261 14.48 -26.38 23.65
N VAL C 262 13.47 -27.15 24.05
CA VAL C 262 13.66 -28.59 24.17
C VAL C 262 13.91 -29.15 22.78
N LYS C 263 14.82 -30.12 22.69
CA LYS C 263 15.30 -30.61 21.42
C LYS C 263 14.77 -32.01 21.14
N VAL C 264 14.36 -32.25 19.91
CA VAL C 264 14.02 -33.57 19.40
C VAL C 264 15.01 -33.90 18.29
N TRP C 265 14.99 -35.16 17.86
CA TRP C 265 15.89 -35.66 16.82
C TRP C 265 17.35 -35.53 17.26
N LYS C 266 17.60 -35.85 18.53
CA LYS C 266 18.92 -35.71 19.13
C LYS C 266 19.76 -36.97 18.94
N ALA C 267 21.05 -36.83 19.19
CA ALA C 267 22.00 -37.94 19.20
C ALA C 267 22.47 -38.12 20.64
N GLY C 268 21.75 -38.93 21.40
CA GLY C 268 22.07 -39.13 22.80
C GLY C 268 21.89 -37.88 23.63
N GLU C 269 23.00 -37.20 23.94
CA GLU C 269 22.95 -35.95 24.68
C GLU C 269 23.18 -34.73 23.79
N GLY C 270 23.99 -34.85 22.76
CA GLY C 270 24.33 -33.75 21.88
C GLY C 270 23.48 -33.72 20.63
N ASN C 271 23.99 -33.04 19.60
CA ASN C 271 23.29 -32.89 18.34
C ASN C 271 23.62 -34.03 17.39
N LEU C 272 22.71 -34.27 16.46
CA LEU C 272 22.94 -35.31 15.45
C LEU C 272 24.06 -34.90 14.50
N GLU C 273 24.13 -33.61 14.15
CA GLU C 273 25.18 -33.16 13.24
C GLU C 273 26.56 -33.22 13.89
N ASP C 274 26.62 -33.10 15.22
CA ASP C 274 27.89 -33.25 15.93
C ASP C 274 28.32 -34.70 16.02
N ALA C 275 27.35 -35.63 16.15
CA ALA C 275 27.68 -37.05 16.21
C ALA C 275 28.07 -37.62 14.86
N THR C 276 27.50 -37.09 13.77
CA THR C 276 27.84 -37.54 12.43
C THR C 276 28.93 -36.70 11.78
N GLY C 277 29.44 -35.68 12.47
CA GLY C 277 30.50 -34.85 11.92
C GLY C 277 30.14 -34.16 10.63
N LEU C 278 28.89 -33.69 10.51
CA LEU C 278 28.42 -33.05 9.29
C LEU C 278 29.17 -31.76 9.02
N PRO D 2 -21.13 22.22 31.41
CA PRO D 2 -20.17 21.25 30.86
C PRO D 2 -20.04 21.37 29.35
N GLN D 3 -18.81 21.54 28.88
CA GLN D 3 -18.54 21.82 27.47
C GLN D 3 -17.22 21.18 27.07
N LEU D 4 -17.03 21.04 25.77
CA LEU D 4 -15.73 20.66 25.22
C LEU D 4 -15.00 21.94 24.82
N HIS D 5 -13.84 22.17 25.44
CA HIS D 5 -13.07 23.39 25.24
C HIS D 5 -11.78 23.09 24.49
N TYR D 6 -11.37 24.04 23.65
CA TYR D 6 -10.07 24.03 23.00
C TYR D 6 -9.31 25.25 23.51
N VAL D 7 -8.24 25.01 24.26
CA VAL D 7 -7.49 26.10 24.88
C VAL D 7 -6.07 26.13 24.33
N PRO D 8 -5.42 27.29 24.29
CA PRO D 8 -4.03 27.35 23.82
C PRO D 8 -3.06 26.88 24.90
N TYR D 9 -1.79 26.78 24.50
CA TYR D 9 -0.77 26.23 25.39
C TYR D 9 -0.57 27.11 26.62
N ASP D 10 -0.68 28.42 26.46
CA ASP D 10 -0.39 29.36 27.53
C ASP D 10 -1.60 29.62 28.43
N THR D 11 -2.57 28.72 28.45
CA THR D 11 -3.69 28.86 29.37
C THR D 11 -3.19 28.71 30.80
N PRO D 12 -3.63 29.58 31.72
CA PRO D 12 -3.23 29.45 33.12
C PRO D 12 -3.62 28.09 33.68
N VAL D 13 -2.77 27.57 34.57
CA VAL D 13 -2.99 26.24 35.12
C VAL D 13 -4.29 26.19 35.90
N GLU D 14 -4.63 27.29 36.59
CA GLU D 14 -5.88 27.35 37.34
C GLU D 14 -7.09 27.24 36.44
N ASP D 15 -6.99 27.72 35.19
CA ASP D 15 -8.11 27.64 34.27
C ASP D 15 -8.30 26.24 33.71
N VAL D 16 -7.19 25.52 33.48
CA VAL D 16 -7.29 24.14 33.03
C VAL D 16 -7.90 23.27 34.13
N MET D 17 -7.56 23.56 35.38
CA MET D 17 -8.08 22.78 36.50
C MET D 17 -9.59 22.97 36.65
N ARG D 18 -10.06 24.22 36.58
CA ARG D 18 -11.49 24.46 36.73
C ARG D 18 -12.28 23.90 35.55
N ILE D 19 -11.69 23.90 34.35
CA ILE D 19 -12.34 23.25 33.21
C ILE D 19 -12.40 21.75 33.43
N LEU D 20 -11.35 21.19 34.04
CA LEU D 20 -11.34 19.75 34.32
C LEU D 20 -12.39 19.38 35.37
N LYS D 21 -12.54 20.22 36.40
CA LYS D 21 -13.56 19.95 37.41
C LYS D 21 -14.97 20.19 36.84
N GLU D 22 -15.11 21.20 35.98
CA GLU D 22 -16.41 21.51 35.41
C GLU D 22 -16.81 20.46 34.38
N SER D 23 -16.00 20.28 33.35
CA SER D 23 -16.37 19.48 32.18
C SER D 23 -15.75 18.10 32.15
N GLY D 24 -14.71 17.85 32.95
CA GLY D 24 -14.10 16.54 32.98
C GLY D 24 -13.17 16.22 31.84
N THR D 25 -12.86 17.19 30.99
CA THR D 25 -11.97 16.99 29.85
C THR D 25 -11.72 18.35 29.21
N LEU D 26 -10.72 18.40 28.33
CA LEU D 26 -10.40 19.58 27.53
C LEU D 26 -9.25 19.20 26.59
N VAL D 27 -9.00 20.08 25.63
CA VAL D 27 -7.92 19.92 24.66
C VAL D 27 -6.95 21.07 24.84
N ILE D 28 -5.67 20.76 25.02
CA ILE D 28 -4.61 21.75 25.07
C ILE D 28 -3.94 21.76 23.70
N ARG D 29 -4.11 22.85 22.96
CA ARG D 29 -3.55 22.94 21.62
C ARG D 29 -2.05 23.17 21.68
N ASN D 30 -1.33 22.62 20.69
CA ASN D 30 0.11 22.73 20.61
C ASN D 30 0.78 22.22 21.88
N PHE D 31 0.20 21.17 22.46
CA PHE D 31 0.80 20.48 23.60
C PHE D 31 2.24 20.08 23.28
N LEU D 32 2.46 19.54 22.07
CA LEU D 32 3.78 19.28 21.54
C LEU D 32 3.97 20.06 20.26
N ASP D 33 5.22 20.36 19.94
CA ASP D 33 5.53 20.96 18.64
C ASP D 33 5.69 19.86 17.60
N GLN D 34 5.73 20.28 16.33
CA GLN D 34 5.89 19.32 15.25
C GLN D 34 7.22 18.58 15.33
N ASN D 35 8.23 19.17 15.98
CA ASN D 35 9.52 18.51 16.13
C ASN D 35 9.38 17.26 16.99
N THR D 36 8.69 17.37 18.13
CA THR D 36 8.50 16.21 19.00
C THR D 36 7.59 15.18 18.35
N VAL D 37 6.56 15.64 17.62
CA VAL D 37 5.66 14.72 16.94
C VAL D 37 6.43 13.87 15.93
N GLN D 38 7.31 14.50 15.15
CA GLN D 38 8.06 13.78 14.14
C GLN D 38 9.08 12.83 14.76
N LYS D 39 9.72 13.26 15.86
CA LYS D 39 10.72 12.42 16.49
C LYS D 39 10.11 11.18 17.12
N VAL D 40 8.96 11.34 17.80
CA VAL D 40 8.28 10.18 18.36
C VAL D 40 7.80 9.25 17.24
N GLN D 41 7.26 9.82 16.17
CA GLN D 41 6.89 9.02 15.00
C GLN D 41 8.10 8.28 14.44
N ASP D 42 9.26 8.94 14.44
CA ASP D 42 10.46 8.33 13.87
C ASP D 42 10.99 7.21 14.76
N GLU D 43 10.98 7.40 16.07
CA GLU D 43 11.58 6.41 16.97
C GLU D 43 10.71 5.18 17.14
N VAL D 44 9.39 5.31 16.99
CA VAL D 44 8.52 4.14 17.07
C VAL D 44 8.43 3.56 15.65
N ASP D 45 9.59 3.23 15.08
CA ASP D 45 9.68 2.69 13.72
C ASP D 45 11.10 2.21 13.44
N PRO D 71 0.44 -0.53 20.65
CA PRO D 71 1.48 -1.12 21.50
C PRO D 71 1.94 -0.18 22.61
N SER D 72 2.54 -0.74 23.66
CA SER D 72 3.05 0.06 24.77
C SER D 72 4.57 0.01 24.80
N ASN D 73 5.14 -0.06 26.00
CA ASN D 73 6.60 -0.09 26.18
C ASN D 73 7.26 1.11 25.53
N LEU D 74 6.62 2.27 25.64
CA LEU D 74 7.08 3.45 24.91
C LEU D 74 8.37 4.02 25.48
N SER D 75 8.57 3.95 26.79
CA SER D 75 9.82 4.43 27.37
C SER D 75 11.00 3.61 26.88
N LEU D 76 10.79 2.33 26.61
CA LEU D 76 11.86 1.49 26.07
C LEU D 76 12.13 1.79 24.60
N MET D 77 11.06 2.01 23.83
CA MET D 77 11.19 2.13 22.37
C MET D 77 11.60 3.52 21.93
N SER D 78 11.18 4.56 22.64
CA SER D 78 11.38 5.94 22.22
C SER D 78 12.22 6.69 23.25
N LYS D 79 13.33 7.27 22.80
CA LYS D 79 14.16 8.09 23.67
C LYS D 79 13.50 9.44 23.94
N THR D 80 12.88 10.02 22.90
CA THR D 80 12.16 11.28 23.08
C THR D 80 11.02 11.13 24.08
N TYR D 81 10.38 9.97 24.12
CA TYR D 81 9.32 9.71 25.09
C TYR D 81 9.87 9.77 26.51
N ARG D 82 10.93 9.02 26.80
CA ARG D 82 11.43 8.91 28.16
C ARG D 82 12.23 10.14 28.59
N CYS D 83 12.87 10.84 27.65
CA CYS D 83 13.72 11.97 28.01
C CYS D 83 13.01 13.31 27.94
N GLU D 84 11.93 13.41 27.17
CA GLU D 84 11.29 14.71 26.95
C GLU D 84 9.81 14.68 27.28
N VAL D 85 9.07 13.76 26.66
CA VAL D 85 7.61 13.73 26.83
C VAL D 85 7.26 13.50 28.30
N LEU D 86 7.95 12.57 28.96
CA LEU D 86 7.66 12.28 30.36
C LEU D 86 8.11 13.39 31.29
N ASN D 87 8.78 14.43 30.79
CA ASN D 87 9.12 15.61 31.56
C ASN D 87 8.20 16.79 31.26
N HIS D 88 7.10 16.55 30.54
CA HIS D 88 6.25 17.63 30.07
C HIS D 88 5.70 18.44 31.23
N PRO D 89 5.94 19.75 31.28
CA PRO D 89 5.47 20.55 32.43
C PRO D 89 3.97 20.55 32.61
N TRP D 90 3.21 20.46 31.52
CA TRP D 90 1.76 20.44 31.64
C TRP D 90 1.27 19.17 32.33
N MET D 91 1.86 18.02 31.96
CA MET D 91 1.49 16.76 32.59
C MET D 91 1.71 16.82 34.10
N HIS D 92 2.88 17.30 34.51
CA HIS D 92 3.23 17.32 35.93
C HIS D 92 2.50 18.41 36.69
N ALA D 93 2.25 19.56 36.05
CA ALA D 93 1.49 20.62 36.72
C ALA D 93 0.07 20.16 37.01
N ILE D 94 -0.54 19.44 36.08
CA ILE D 94 -1.90 18.94 36.31
C ILE D 94 -1.89 17.80 37.30
N CYS D 95 -0.91 16.89 37.20
CA CYS D 95 -0.85 15.75 38.09
C CYS D 95 -0.59 16.17 39.54
N GLU D 96 0.20 17.24 39.74
CA GLU D 96 0.48 17.69 41.10
C GLU D 96 -0.78 18.23 41.78
N ARG D 97 -1.60 18.98 41.04
CA ARG D 97 -2.80 19.54 41.63
C ARG D 97 -3.94 18.54 41.72
N MET D 98 -3.87 17.44 40.96
CA MET D 98 -4.91 16.43 40.98
C MET D 98 -4.66 15.34 42.02
N PHE D 99 -3.40 14.96 42.22
CA PHE D 99 -3.06 13.88 43.14
C PHE D 99 -2.30 14.34 44.38
N GLY D 100 -1.60 15.47 44.30
CA GLY D 100 -0.81 15.98 45.40
C GLY D 100 -1.56 16.14 46.70
N PRO D 101 -2.67 16.88 46.69
CA PRO D 101 -3.41 17.09 47.96
C PRO D 101 -3.86 15.82 48.65
N THR D 102 -4.42 14.86 47.90
CA THR D 102 -4.98 13.67 48.52
C THR D 102 -3.95 12.54 48.67
N TYR D 103 -3.12 12.31 47.67
CA TYR D 103 -2.22 11.18 47.65
C TYR D 103 -0.75 11.53 47.82
N GLY D 104 -0.37 12.77 47.61
CA GLY D 104 1.04 13.16 47.66
C GLY D 104 1.72 12.95 46.29
N ASP D 105 2.53 11.90 46.19
CA ASP D 105 3.25 11.62 44.96
C ASP D 105 2.36 10.84 43.98
N TYR D 106 2.65 11.04 42.70
CA TYR D 106 2.09 10.26 41.61
C TYR D 106 3.24 9.65 40.81
N TRP D 107 2.91 8.74 39.90
CA TRP D 107 3.92 8.20 39.00
C TRP D 107 3.24 7.62 37.77
N PHE D 108 4.05 7.15 36.83
CA PHE D 108 3.56 6.65 35.56
C PHE D 108 2.62 5.47 35.77
N ASN D 109 1.48 5.50 35.08
CA ASN D 109 0.53 4.39 35.07
C ASN D 109 0.71 3.52 33.84
N GLY D 110 0.60 4.11 32.65
CA GLY D 110 0.79 3.37 31.42
C GLY D 110 0.82 4.34 30.25
N GLY D 111 1.22 3.80 29.10
CA GLY D 111 1.29 4.58 27.88
C GLY D 111 1.29 3.70 26.65
N ALA D 112 0.49 4.07 25.64
CA ALA D 112 0.32 3.22 24.47
C ALA D 112 0.25 4.06 23.22
N ILE D 113 0.54 3.42 22.09
CA ILE D 113 0.29 4.00 20.77
C ILE D 113 -1.15 3.69 20.38
N LEU D 114 -1.91 4.72 20.04
CA LEU D 114 -3.33 4.57 19.70
C LEU D 114 -3.44 4.66 18.18
N HIS D 115 -3.28 3.51 17.51
CA HIS D 115 -3.22 3.42 16.06
C HIS D 115 -4.54 2.85 15.55
N LEU D 116 -5.28 3.66 14.79
CA LEU D 116 -6.58 3.26 14.24
C LEU D 116 -6.42 2.96 12.77
N GLU D 117 -6.59 1.70 12.39
CA GLU D 117 -6.52 1.30 10.99
C GLU D 117 -7.79 1.71 10.26
N PRO D 118 -7.70 1.98 8.96
CA PRO D 118 -8.91 2.28 8.17
C PRO D 118 -9.91 1.13 8.25
N GLY D 119 -11.19 1.48 8.43
CA GLY D 119 -12.24 0.51 8.56
C GLY D 119 -12.53 0.06 9.97
N GLU D 120 -11.66 0.39 10.93
CA GLU D 120 -11.90 0.01 12.32
C GLU D 120 -13.20 0.65 12.81
N ASN D 121 -14.00 -0.15 13.51
CA ASN D 121 -15.30 0.30 14.00
C ASN D 121 -15.14 1.09 15.29
N THR D 122 -16.27 1.49 15.85
CA THR D 122 -16.28 2.38 17.01
C THR D 122 -15.91 1.61 18.28
N GLN D 123 -15.03 2.19 19.08
CA GLN D 123 -14.66 1.60 20.35
C GLN D 123 -15.80 1.75 21.35
N PRO D 124 -16.02 0.77 22.23
CA PRO D 124 -17.08 0.92 23.25
C PRO D 124 -16.80 2.10 24.17
N ILE D 125 -17.87 2.81 24.53
CA ILE D 125 -17.76 3.94 25.45
C ILE D 125 -17.47 3.41 26.85
N HIS D 126 -16.48 4.01 27.52
CA HIS D 126 -15.99 3.46 28.77
C HIS D 126 -15.36 4.56 29.63
N GLN D 127 -15.17 4.24 30.89
CA GLN D 127 -14.32 5.01 31.79
C GLN D 127 -12.99 4.29 31.93
N ASP D 128 -11.90 5.06 32.01
CA ASP D 128 -10.58 4.44 32.10
C ASP D 128 -10.33 3.80 33.45
N HIS D 129 -11.00 4.28 34.51
CA HIS D 129 -10.71 3.81 35.86
C HIS D 129 -11.49 2.56 36.23
N VAL D 130 -12.19 1.92 35.28
CA VAL D 130 -13.05 0.80 35.63
C VAL D 130 -12.23 -0.39 36.12
N PHE D 131 -10.97 -0.51 35.69
CA PHE D 131 -10.15 -1.64 36.12
C PHE D 131 -9.60 -1.45 37.53
N TYR D 132 -9.88 -0.33 38.19
CA TYR D 132 -9.64 -0.17 39.61
C TYR D 132 -10.85 -0.70 40.37
N GLN D 133 -10.64 -1.72 41.20
CA GLN D 133 -11.74 -2.25 42.00
C GLN D 133 -12.25 -1.21 42.98
N ILE D 134 -11.39 -0.27 43.39
CA ILE D 134 -11.79 0.77 44.34
C ILE D 134 -12.57 1.90 43.69
N SER D 135 -12.73 1.89 42.37
CA SER D 135 -13.60 2.87 41.74
C SER D 135 -15.06 2.63 42.10
N LYS D 136 -15.39 1.43 42.58
CA LYS D 136 -16.72 1.19 43.13
C LYS D 136 -16.92 1.97 44.42
N TRP D 137 -15.86 2.13 45.22
CA TRP D 137 -15.94 2.88 46.46
C TRP D 137 -15.87 4.38 46.24
N ARG D 138 -15.35 4.83 45.11
CA ARG D 138 -15.10 6.24 44.87
C ARG D 138 -16.41 6.98 44.58
N ARG D 139 -16.47 8.24 45.04
CA ARG D 139 -17.56 9.14 44.71
C ARG D 139 -17.11 10.13 43.65
N PRO D 140 -18.03 10.61 42.81
CA PRO D 140 -17.63 11.47 41.68
C PRO D 140 -16.95 12.76 42.10
N THR D 141 -17.10 13.19 43.36
CA THR D 141 -16.42 14.39 43.84
C THR D 141 -15.05 14.09 44.43
N ASP D 142 -14.69 12.82 44.59
CA ASP D 142 -13.36 12.45 45.03
C ASP D 142 -12.35 12.69 43.91
N PRO D 143 -11.06 12.76 44.23
CA PRO D 143 -10.05 12.88 43.17
C PRO D 143 -10.06 11.66 42.26
N ASP D 144 -9.63 11.87 41.02
CA ASP D 144 -9.60 10.79 40.05
C ASP D 144 -8.54 9.76 40.42
N LEU D 145 -8.75 8.54 39.96
CA LEU D 145 -7.80 7.46 40.23
C LEU D 145 -6.67 7.42 39.21
N THR D 146 -6.83 8.06 38.07
CA THR D 146 -5.82 8.12 37.03
C THR D 146 -6.22 9.19 36.03
N ILE D 147 -5.22 9.68 35.29
CA ILE D 147 -5.45 10.70 34.26
C ILE D 147 -4.63 10.33 33.04
N ASN D 148 -5.18 10.61 31.86
CA ASN D 148 -4.58 10.23 30.59
C ASN D 148 -4.35 11.47 29.74
N PHE D 149 -3.22 11.49 29.04
CA PHE D 149 -2.91 12.55 28.07
C PHE D 149 -2.80 11.90 26.70
N THR D 150 -3.81 12.15 25.85
CA THR D 150 -3.87 11.58 24.51
C THR D 150 -3.37 12.62 23.52
N MET D 151 -2.19 12.38 22.96
CA MET D 151 -1.52 13.33 22.08
C MET D 151 -1.67 12.85 20.64
N ALA D 152 -2.11 13.75 19.75
CA ALA D 152 -2.34 13.38 18.35
C ALA D 152 -1.03 13.39 17.58
N LEU D 153 -0.73 12.28 16.92
CA LEU D 153 0.38 12.20 15.98
C LEU D 153 -0.07 12.53 14.56
N THR D 154 -1.11 11.85 14.10
CA THR D 154 -1.83 12.27 12.91
C THR D 154 -2.96 13.20 13.29
N GLU D 155 -3.64 13.73 12.28
CA GLU D 155 -4.84 14.52 12.52
C GLU D 155 -5.90 13.67 13.20
N PHE D 156 -6.67 14.30 14.09
CA PHE D 156 -7.81 13.66 14.73
C PHE D 156 -9.07 14.34 14.20
N THR D 157 -9.87 13.60 13.45
CA THR D 157 -11.13 14.10 12.91
C THR D 157 -12.27 13.17 13.33
N VAL D 158 -13.50 13.66 13.16
CA VAL D 158 -14.65 12.84 13.47
C VAL D 158 -14.77 11.68 12.49
N GLU D 159 -14.28 11.85 11.27
CA GLU D 159 -14.38 10.81 10.24
C GLU D 159 -13.28 9.77 10.33
N ASN D 160 -12.08 10.13 10.79
CA ASN D 160 -10.99 9.18 10.89
C ASN D 160 -10.92 8.49 12.25
N GLY D 161 -11.99 8.59 13.04
CA GLY D 161 -12.02 7.91 14.32
C GLY D 161 -11.45 8.68 15.48
N GLY D 162 -11.50 10.02 15.45
CA GLY D 162 -11.01 10.80 16.57
C GLY D 162 -11.78 10.50 17.84
N THR D 163 -11.11 10.71 18.97
CA THR D 163 -11.70 10.40 20.27
C THR D 163 -12.97 11.21 20.48
N ARG D 164 -13.96 10.60 21.11
CA ARG D 164 -15.20 11.26 21.48
C ARG D 164 -15.36 11.21 22.98
N VAL D 165 -15.79 12.34 23.56
CA VAL D 165 -15.98 12.46 25.00
C VAL D 165 -17.41 12.88 25.28
N CYS D 166 -17.81 12.76 26.54
CA CYS D 166 -19.12 13.21 27.02
C CYS D 166 -18.89 14.19 28.16
N PRO D 167 -18.81 15.49 27.87
CA PRO D 167 -18.52 16.46 28.92
C PRO D 167 -19.55 16.43 30.04
N GLY D 168 -19.06 16.48 31.28
CA GLY D 168 -19.90 16.43 32.45
C GLY D 168 -20.20 15.03 32.96
N SER D 169 -20.01 14.00 32.14
CA SER D 169 -20.29 12.63 32.57
C SER D 169 -19.33 12.13 33.64
N HIS D 170 -18.22 12.84 33.87
CA HIS D 170 -17.32 12.46 34.96
C HIS D 170 -17.95 12.67 36.33
N LEU D 171 -18.95 13.54 36.43
CA LEU D 171 -19.65 13.80 37.68
C LEU D 171 -20.87 12.91 37.88
N TRP D 172 -21.13 11.99 36.95
CA TRP D 172 -22.21 11.03 37.14
C TRP D 172 -21.90 10.07 38.28
N GLU D 173 -22.94 9.64 38.98
CA GLU D 173 -22.77 8.69 40.07
C GLU D 173 -22.28 7.35 39.55
N ASN D 174 -21.71 6.56 40.46
CA ASN D 174 -21.26 5.22 40.11
C ASN D 174 -22.45 4.37 39.66
N GLY D 175 -22.19 3.47 38.71
CA GLY D 175 -23.24 2.65 38.15
C GLY D 175 -24.14 3.33 37.16
N HIS D 176 -23.97 4.63 36.93
CA HIS D 176 -24.73 5.33 35.90
C HIS D 176 -24.49 4.66 34.55
N ALA D 177 -25.57 4.50 33.78
CA ALA D 177 -25.46 3.88 32.47
C ALA D 177 -24.53 4.68 31.57
N SER D 178 -23.88 3.99 30.65
CA SER D 178 -22.97 4.64 29.72
C SER D 178 -23.73 5.66 28.89
N PRO D 179 -23.10 6.77 28.53
CA PRO D 179 -23.77 7.76 27.68
C PRO D 179 -24.09 7.18 26.31
N ALA D 180 -25.22 7.61 25.77
CA ALA D 180 -25.61 7.18 24.43
C ALA D 180 -24.63 7.74 23.40
N GLU D 181 -24.61 7.10 22.22
CA GLU D 181 -23.69 7.52 21.17
C GLU D 181 -23.96 8.95 20.74
N GLU D 182 -25.23 9.36 20.71
CA GLU D 182 -25.58 10.72 20.33
C GLU D 182 -25.14 11.75 21.36
N ASP D 183 -24.69 11.33 22.54
CA ASP D 183 -24.21 12.23 23.56
C ASP D 183 -22.70 12.47 23.48
N MET D 184 -22.02 11.82 22.54
CA MET D 184 -20.56 11.89 22.45
C MET D 184 -20.14 13.04 21.54
N VAL D 185 -19.19 13.82 22.01
CA VAL D 185 -18.67 14.98 21.24
C VAL D 185 -17.31 14.57 20.68
N PRO D 186 -17.17 14.40 19.37
CA PRO D 186 -15.86 14.05 18.80
C PRO D 186 -14.83 15.13 19.09
N VAL D 187 -13.58 14.70 19.24
CA VAL D 187 -12.45 15.59 19.53
C VAL D 187 -11.61 15.72 18.27
N LEU D 188 -11.33 16.96 17.86
CA LEU D 188 -10.61 17.26 16.64
C LEU D 188 -9.33 18.01 16.94
N MET D 189 -8.21 17.40 16.57
CA MET D 189 -6.90 17.83 17.01
C MET D 189 -5.97 17.85 15.81
N GLN D 190 -5.17 18.88 15.73
CA GLN D 190 -4.02 18.86 14.85
C GLN D 190 -2.90 18.05 15.51
N PRO D 191 -1.94 17.58 14.73
CA PRO D 191 -0.76 16.91 15.32
C PRO D 191 -0.11 17.81 16.36
N GLY D 192 0.09 17.26 17.56
CA GLY D 192 0.66 17.98 18.66
C GLY D 192 -0.34 18.39 19.72
N ASP D 193 -1.63 18.48 19.38
CA ASP D 193 -2.64 18.75 20.38
C ASP D 193 -2.83 17.54 21.29
N ALA D 194 -3.26 17.81 22.52
CA ALA D 194 -3.47 16.76 23.50
C ALA D 194 -4.86 16.89 24.12
N LEU D 195 -5.57 15.76 24.20
CA LEU D 195 -6.84 15.68 24.89
C LEU D 195 -6.60 15.13 26.29
N ILE D 196 -7.09 15.84 27.30
CA ILE D 196 -6.90 15.45 28.69
C ILE D 196 -8.09 14.58 29.11
N LEU D 197 -7.79 13.38 29.62
CA LEU D 197 -8.81 12.40 29.96
C LEU D 197 -8.64 11.91 31.39
N PRO D 198 -9.33 12.52 32.35
CA PRO D 198 -9.41 11.93 33.69
C PRO D 198 -10.06 10.56 33.64
N GLY D 199 -9.70 9.72 34.62
CA GLY D 199 -10.17 8.34 34.64
C GLY D 199 -11.67 8.20 34.72
N SER D 200 -12.39 9.26 35.11
CA SER D 200 -13.84 9.20 35.26
C SER D 200 -14.59 9.67 34.02
N MET D 201 -13.89 10.25 33.03
CA MET D 201 -14.55 10.79 31.85
C MET D 201 -14.92 9.66 30.89
N TRP D 202 -16.20 9.56 30.57
CA TRP D 202 -16.66 8.59 29.59
C TRP D 202 -16.19 9.00 28.20
N HIS D 203 -15.60 8.06 27.46
CA HIS D 203 -15.03 8.37 26.16
C HIS D 203 -14.85 7.07 25.39
N SER D 204 -14.50 7.22 24.10
CA SER D 204 -14.22 6.08 23.24
C SER D 204 -13.65 6.60 21.93
N ALA D 205 -12.89 5.73 21.26
CA ALA D 205 -12.42 6.02 19.92
C ALA D 205 -13.55 5.82 18.92
N GLY D 206 -13.51 6.61 17.85
CA GLY D 206 -14.52 6.52 16.81
C GLY D 206 -14.14 5.52 15.73
N ALA D 207 -15.04 5.41 14.74
CA ALA D 207 -14.78 4.56 13.59
C ALA D 207 -13.92 5.32 12.58
N ASN D 208 -12.85 4.68 12.12
CA ASN D 208 -11.97 5.28 11.11
C ASN D 208 -12.57 4.97 9.74
N ARG D 209 -13.41 5.88 9.26
CA ARG D 209 -14.02 5.76 7.95
C ARG D 209 -13.28 6.59 6.90
N THR D 210 -11.95 6.63 6.99
CA THR D 210 -11.12 7.27 5.99
C THR D 210 -10.08 6.28 5.49
N SER D 211 -9.32 6.70 4.48
CA SER D 211 -8.36 5.81 3.82
C SER D 211 -7.01 5.75 4.52
N GLU D 212 -6.76 6.62 5.51
CA GLU D 212 -5.48 6.66 6.19
C GLU D 212 -5.66 6.36 7.67
N TYR D 213 -4.60 5.83 8.27
CA TYR D 213 -4.63 5.48 9.68
C TYR D 213 -4.66 6.72 10.55
N ARG D 214 -5.42 6.65 11.63
CA ARG D 214 -5.41 7.68 12.67
C ARG D 214 -4.55 7.18 13.82
N ARG D 215 -3.49 7.91 14.14
CA ARG D 215 -2.57 7.51 15.18
C ARG D 215 -2.38 8.64 16.19
N GLY D 216 -2.49 8.29 17.47
CA GLY D 216 -2.04 9.15 18.54
C GLY D 216 -1.18 8.35 19.47
N PHE D 217 -0.75 8.95 20.58
CA PHE D 217 -0.06 8.20 21.62
C PHE D 217 -0.37 8.84 22.96
N ALA D 218 -0.33 8.04 24.01
CA ALA D 218 -0.87 8.44 25.30
C ALA D 218 0.16 8.24 26.40
N THR D 219 0.09 9.12 27.41
CA THR D 219 0.71 8.92 28.70
C THR D 219 -0.38 8.94 29.76
N SER D 220 -0.14 8.25 30.87
CA SER D 220 -1.11 8.26 31.96
C SER D 220 -0.38 8.16 33.29
N PHE D 221 -0.91 8.85 34.29
CA PHE D 221 -0.34 8.87 35.63
C PHE D 221 -1.45 8.61 36.64
N HIS D 222 -1.04 8.17 37.82
CA HIS D 222 -1.99 7.85 38.88
C HIS D 222 -1.26 7.93 40.22
N PRO D 223 -1.98 7.92 41.34
CA PRO D 223 -1.32 8.06 42.65
C PRO D 223 -0.23 7.01 42.87
N CYS D 224 0.76 7.39 43.68
CA CYS D 224 1.90 6.52 43.91
C CYS D 224 1.55 5.27 44.70
N HIS D 225 0.41 5.26 45.39
CA HIS D 225 -0.01 4.09 46.15
C HIS D 225 -0.71 3.04 45.30
N PHE D 226 -0.89 3.30 44.00
CA PHE D 226 -1.53 2.34 43.09
C PHE D 226 -0.46 1.71 42.20
N THR D 227 -0.61 0.42 41.95
CA THR D 227 0.36 -0.29 41.11
C THR D 227 0.17 0.09 39.65
N PRO D 228 1.22 0.45 38.94
CA PRO D 228 1.07 0.87 37.54
C PRO D 228 0.72 -0.30 36.63
N ILE D 229 0.06 0.03 35.52
CA ILE D 229 -0.20 -0.96 34.48
C ILE D 229 1.11 -1.54 33.96
N GLU D 230 2.11 -0.68 33.78
CA GLU D 230 3.38 -1.06 33.16
C GLU D 230 4.51 -0.94 34.17
N SER D 231 5.32 -1.99 34.26
CA SER D 231 6.58 -1.94 34.98
C SER D 231 7.70 -1.54 34.03
N HIS D 232 8.75 -0.94 34.59
CA HIS D 232 9.90 -0.52 33.81
C HIS D 232 11.19 -1.10 34.37
N HIS D 233 11.09 -2.11 35.24
CA HIS D 233 12.28 -2.74 35.80
C HIS D 233 13.06 -3.53 34.76
N HIS D 234 12.45 -3.82 33.60
CA HIS D 234 13.14 -4.53 32.53
C HIS D 234 14.00 -3.62 31.67
N LEU D 235 13.95 -2.31 31.89
CA LEU D 235 14.77 -1.39 31.11
C LEU D 235 16.23 -1.48 31.52
N PRO D 236 17.15 -1.31 30.57
CA PRO D 236 18.57 -1.34 30.92
C PRO D 236 18.95 -0.14 31.79
N ARG D 237 20.03 -0.31 32.55
CA ARG D 237 20.38 0.67 33.58
C ARG D 237 20.87 1.98 32.97
N GLU D 238 21.66 1.90 31.89
CA GLU D 238 22.13 3.13 31.25
C GLU D 238 20.98 3.96 30.72
N MET D 239 19.84 3.33 30.43
CA MET D 239 18.64 4.08 30.08
C MET D 239 18.07 4.81 31.29
N VAL D 240 18.09 4.15 32.46
CA VAL D 240 17.59 4.78 33.67
C VAL D 240 18.48 5.94 34.09
N GLU D 241 19.80 5.79 33.93
CA GLU D 241 20.74 6.80 34.38
C GLU D 241 20.64 8.08 33.57
N GLU D 242 20.17 8.01 32.33
CA GLU D 242 20.00 9.20 31.50
C GLU D 242 18.65 9.88 31.70
N MET D 243 17.71 9.24 32.38
CA MET D 243 16.47 9.90 32.72
C MET D 243 16.71 10.98 33.78
N THR D 244 15.84 11.98 33.80
CA THR D 244 15.85 12.95 34.86
C THR D 244 15.38 12.30 36.16
N PRO D 245 15.80 12.83 37.31
CA PRO D 245 15.28 12.32 38.59
C PRO D 245 13.76 12.26 38.64
N LEU D 246 13.08 13.23 38.01
CA LEU D 246 11.62 13.22 37.96
C LEU D 246 11.12 11.99 37.21
N VAL D 247 11.63 11.76 36.00
CA VAL D 247 11.19 10.62 35.21
C VAL D 247 11.60 9.31 35.87
N GLN D 248 12.75 9.29 36.55
CA GLN D 248 13.15 8.11 37.31
C GLN D 248 12.09 7.76 38.35
N LYS D 249 11.55 8.77 39.04
CA LYS D 249 10.45 8.53 39.97
C LYS D 249 9.19 8.11 39.23
N MET D 250 8.96 8.69 38.05
CA MET D 250 7.77 8.34 37.29
C MET D 250 7.78 6.86 36.90
N LEU D 251 8.93 6.33 36.50
CA LEU D 251 9.02 4.97 35.98
C LEU D 251 9.39 3.96 37.05
N GLY D 252 9.26 4.31 38.32
CA GLY D 252 9.38 3.33 39.39
C GLY D 252 10.79 2.99 39.81
N PHE D 253 11.71 3.96 39.80
CA PHE D 253 13.08 3.73 40.22
C PHE D 253 13.45 4.49 41.48
N ARG D 254 12.51 5.21 42.09
CA ARG D 254 12.77 5.99 43.28
C ARG D 254 11.65 5.79 44.29
N THR D 255 12.00 5.94 45.56
CA THR D 255 11.02 5.85 46.64
C THR D 255 10.00 6.98 46.52
N LEU D 256 8.74 6.66 46.77
CA LEU D 256 7.64 7.60 46.66
C LEU D 256 7.20 8.07 48.04
N ASN D 257 6.68 9.29 48.10
CA ASN D 257 6.26 9.92 49.34
C ASN D 257 4.75 10.04 49.36
N LEU D 258 4.11 9.45 50.36
CA LEU D 258 2.68 9.61 50.55
C LEU D 258 2.38 10.98 51.15
N HIS D 259 1.08 11.33 51.18
CA HIS D 259 0.70 12.68 51.55
C HIS D 259 1.03 13.00 53.01
N ASN D 260 1.11 11.99 53.88
CA ASN D 260 1.43 12.18 55.28
C ASN D 260 2.87 11.85 55.61
N ASN D 261 3.79 12.07 54.65
CA ASN D 261 5.22 11.82 54.83
C ASN D 261 5.52 10.36 55.18
N VAL D 262 4.66 9.45 54.73
CA VAL D 262 4.93 8.03 54.77
C VAL D 262 5.51 7.63 53.42
N LYS D 263 6.52 6.78 53.43
CA LYS D 263 7.20 6.37 52.20
C LYS D 263 6.75 4.98 51.79
N VAL D 264 6.47 4.82 50.50
CA VAL D 264 6.26 3.51 49.88
C VAL D 264 7.33 3.33 48.82
N TRP D 265 7.47 2.09 48.35
CA TRP D 265 8.50 1.73 47.38
C TRP D 265 9.91 1.98 47.95
N LYS D 266 10.10 1.59 49.20
CA LYS D 266 11.37 1.78 49.88
C LYS D 266 12.30 0.59 49.66
N ALA D 267 13.56 0.81 50.01
CA ALA D 267 14.57 -0.25 50.02
C ALA D 267 15.04 -0.41 51.47
N GLY D 268 14.54 -1.45 52.13
CA GLY D 268 14.84 -1.65 53.54
C GLY D 268 14.36 -0.50 54.40
N GLU D 269 15.30 0.30 54.88
CA GLU D 269 14.98 1.51 55.63
C GLU D 269 15.20 2.78 54.83
N GLY D 270 16.09 2.75 53.85
CA GLY D 270 16.39 3.90 53.03
C GLY D 270 15.58 3.94 51.76
N ASN D 271 16.05 4.75 50.81
CA ASN D 271 15.38 4.92 49.54
C ASN D 271 15.90 3.91 48.52
N LEU D 272 15.07 3.63 47.51
CA LEU D 272 15.48 2.70 46.46
C LEU D 272 16.62 3.26 45.63
N GLU D 273 16.64 4.58 45.42
CA GLU D 273 17.69 5.19 44.62
C GLU D 273 19.04 5.09 45.31
N ASP D 274 19.07 5.17 46.64
CA ASP D 274 20.34 5.04 47.37
C ASP D 274 20.81 3.60 47.42
N ALA D 275 19.90 2.63 47.44
CA ALA D 275 20.28 1.23 47.42
C ALA D 275 20.77 0.79 46.04
N THR D 276 20.20 1.36 44.97
CA THR D 276 20.63 1.06 43.62
C THR D 276 21.75 1.96 43.12
N GLY D 277 22.05 3.03 43.86
CA GLY D 277 23.13 3.93 43.49
C GLY D 277 22.88 4.67 42.19
N LEU D 278 21.79 5.44 42.14
CA LEU D 278 21.46 6.19 40.94
C LEU D 278 22.15 7.55 40.93
#